data_7E43
#
_entry.id   7E43
#
_cell.length_a   52.125
_cell.length_b   72.505
_cell.length_c   82.230
_cell.angle_alpha   93.160
_cell.angle_beta   93.800
_cell.angle_gamma   111.080
#
_symmetry.space_group_name_H-M   'P 1'
#
loop_
_entity.id
_entity.type
_entity.pdbx_description
1 polymer 'Peptide methionine sulfoxide reductase MsrA/MsrB'
2 non-polymer 'ACETATE ION'
3 water water
#
_entity_poly.entity_id   1
_entity_poly.type   'polypeptide(L)'
_entity_poly.pdbx_seq_one_letter_code
;MKVLSYLKNFYLFLAIGAIMQASENMGSQHQKTDERVIYLAGGSFWGLEAYMERIYGVIDASSGYANGKTSSTNYEKLHE
SDHAESVKVIYDPKKISLDKLLRYYFKVVDPVSVNKQGNDVGRQYRTGIYYVNSADKEVIDHALKALQKEVKGKIAIEVE
PLKNYVRAEEYHQDYLKKHPSGYCHIDLKKADEVIVDDDKYTKPSDEVLKKKLTKLQYEVTQNKHTEKPFENEYYNKEEE
GIYVDITTGEPLFSSADKYDSGCGWPSFSKPINKDVVKYEDDESLNRKRIEVLSRIGKAHLGHVFNDGPKELGGLRYSIN
SAALRFIPLKDMEKEGYGEFIPYIKKGELKKYINDKKSH
;
_entity_poly.pdbx_strand_id   B,A
#
# COMPACT_ATOMS: atom_id res chain seq x y z
N ASP A 34 -31.14 -29.22 10.24
CA ASP A 34 -32.27 -28.39 9.75
C ASP A 34 -31.80 -26.94 9.65
N GLU A 35 -32.73 -25.98 9.73
CA GLU A 35 -32.39 -24.53 9.65
C GLU A 35 -32.64 -23.90 11.02
N ARG A 36 -31.86 -22.88 11.37
CA ARG A 36 -31.98 -22.22 12.66
C ARG A 36 -32.24 -20.73 12.47
N VAL A 37 -32.67 -20.08 13.56
CA VAL A 37 -33.07 -18.69 13.52
C VAL A 37 -32.43 -17.96 14.70
N ILE A 38 -32.07 -16.71 14.47
CA ILE A 38 -31.57 -15.81 15.51
C ILE A 38 -32.05 -14.42 15.17
N TYR A 39 -32.38 -13.63 16.18
CA TYR A 39 -32.93 -12.29 15.98
C TYR A 39 -31.90 -11.27 16.45
N LEU A 40 -31.58 -10.31 15.58
CA LEU A 40 -30.51 -9.35 15.84
C LEU A 40 -31.04 -7.94 15.68
N ALA A 41 -30.89 -7.13 16.72
CA ALA A 41 -31.19 -5.70 16.65
C ALA A 41 -29.89 -4.94 16.56
N GLY A 42 -29.71 -4.15 15.50
CA GLY A 42 -28.45 -3.47 15.32
C GLY A 42 -28.56 -2.09 14.71
N GLY A 43 -29.64 -1.38 15.05
CA GLY A 43 -29.89 -0.02 14.55
C GLY A 43 -30.82 -0.04 13.34
N SER A 44 -30.42 0.62 12.26
CA SER A 44 -31.26 0.67 11.03
C SER A 44 -31.46 -0.76 10.50
N PHE A 45 -32.71 -1.21 10.44
CA PHE A 45 -32.99 -2.61 10.00
C PHE A 45 -32.98 -2.72 8.47
N TRP A 46 -32.95 -1.59 7.76
CA TRP A 46 -32.90 -1.63 6.28
C TRP A 46 -31.53 -2.15 5.86
N GLY A 47 -30.47 -1.47 6.32
CA GLY A 47 -29.10 -1.87 6.00
C GLY A 47 -28.73 -3.19 6.66
N LEU A 48 -29.22 -3.41 7.89
CA LEU A 48 -28.89 -4.66 8.60
C LEU A 48 -29.43 -5.86 7.82
N GLU A 49 -30.71 -5.78 7.41
CA GLU A 49 -31.34 -6.86 6.65
C GLU A 49 -30.57 -7.14 5.36
N ALA A 50 -30.23 -6.08 4.63
CA ALA A 50 -29.44 -6.24 3.41
C ALA A 50 -28.06 -6.83 3.71
N TYR A 51 -27.48 -6.50 4.86
CA TYR A 51 -26.18 -7.04 5.21
C TYR A 51 -26.25 -8.54 5.47
N MET A 52 -27.15 -8.96 6.36
CA MET A 52 -27.23 -10.36 6.73
C MET A 52 -27.57 -11.25 5.55
N GLU A 53 -28.37 -10.74 4.60
CA GLU A 53 -28.73 -11.51 3.41
C GLU A 53 -27.50 -11.90 2.57
N ARG A 54 -26.42 -11.11 2.62
CA ARG A 54 -25.24 -11.39 1.82
C ARG A 54 -24.28 -12.36 2.49
N ILE A 55 -24.49 -12.70 3.76
CA ILE A 55 -23.59 -13.62 4.45
C ILE A 55 -23.82 -15.03 3.93
N TYR A 56 -22.73 -15.70 3.55
CA TYR A 56 -22.83 -17.09 3.16
C TYR A 56 -23.34 -17.94 4.33
N GLY A 57 -24.37 -18.73 4.08
CA GLY A 57 -25.01 -19.55 5.09
C GLY A 57 -26.37 -19.04 5.52
N VAL A 58 -26.68 -17.78 5.23
CA VAL A 58 -27.95 -17.19 5.65
C VAL A 58 -29.00 -17.50 4.60
N ILE A 59 -30.03 -18.26 5.00
CA ILE A 59 -31.09 -18.67 4.09
C ILE A 59 -32.03 -17.50 3.82
N ASP A 60 -32.47 -16.81 4.87
CA ASP A 60 -33.34 -15.66 4.68
C ASP A 60 -33.10 -14.65 5.80
N ALA A 61 -33.35 -13.39 5.49
CA ALA A 61 -33.32 -12.33 6.50
C ALA A 61 -34.56 -11.48 6.30
N SER A 62 -35.30 -11.25 7.38
CA SER A 62 -36.48 -10.41 7.33
C SER A 62 -36.46 -9.40 8.46
N SER A 63 -37.13 -8.29 8.21
CA SER A 63 -37.19 -7.15 9.09
C SER A 63 -38.35 -7.31 10.06
N GLY A 64 -38.23 -6.69 11.23
CA GLY A 64 -39.24 -6.91 12.25
C GLY A 64 -38.98 -6.14 13.53
N TYR A 65 -39.86 -6.39 14.50
CA TYR A 65 -39.86 -5.71 15.78
C TYR A 65 -39.84 -6.74 16.91
N ALA A 66 -38.86 -6.63 17.81
CA ALA A 66 -38.61 -7.66 18.81
C ALA A 66 -38.61 -7.10 20.23
N ASN A 67 -39.16 -7.89 21.15
CA ASN A 67 -39.02 -7.67 22.59
C ASN A 67 -39.58 -6.31 23.01
N GLY A 68 -40.83 -6.06 22.63
CA GLY A 68 -41.59 -4.92 23.10
C GLY A 68 -42.61 -5.32 24.15
N LYS A 69 -43.38 -4.31 24.58
CA LYS A 69 -44.35 -4.48 25.65
C LYS A 69 -45.68 -5.05 25.17
N THR A 70 -45.90 -5.11 23.85
CA THR A 70 -47.18 -5.61 23.32
C THR A 70 -46.95 -6.86 22.45
N SER A 71 -48.03 -7.48 21.99
CA SER A 71 -47.94 -8.69 21.14
C SER A 71 -48.00 -8.28 19.66
N SER A 72 -48.24 -6.99 19.41
CA SER A 72 -48.32 -6.48 18.01
C SER A 72 -48.13 -4.96 18.00
N THR A 73 -47.52 -4.43 16.93
CA THR A 73 -47.26 -2.97 16.80
C THR A 73 -47.01 -2.64 15.33
N ASN A 74 -46.69 -1.38 15.03
CA ASN A 74 -46.40 -0.98 13.67
C ASN A 74 -45.33 0.10 13.71
N TYR A 75 -44.90 0.56 12.53
CA TYR A 75 -43.65 1.32 12.45
C TYR A 75 -43.73 2.62 13.25
N GLU A 76 -44.90 3.25 13.31
CA GLU A 76 -45.01 4.49 14.04
C GLU A 76 -45.73 4.32 15.38
N LYS A 77 -45.86 3.09 15.85
CA LYS A 77 -46.16 2.80 17.23
C LYS A 77 -44.96 2.18 17.95
N LEU A 78 -43.77 2.24 17.35
CA LEU A 78 -42.59 1.63 17.97
C LEU A 78 -42.24 2.34 19.26
N HIS A 79 -42.32 3.67 19.26
CA HIS A 79 -41.90 4.45 20.42
C HIS A 79 -42.72 4.10 21.66
N GLU A 80 -43.95 3.62 21.49
CA GLU A 80 -44.75 3.25 22.64
C GLU A 80 -44.66 1.76 22.96
N SER A 81 -44.63 0.91 21.94
CA SER A 81 -44.55 -0.53 22.18
C SER A 81 -43.19 -0.93 22.75
N ASP A 82 -42.18 -0.06 22.62
CA ASP A 82 -40.83 -0.32 23.13
C ASP A 82 -40.17 -1.49 22.41
N HIS A 83 -40.52 -1.71 21.15
CA HIS A 83 -39.88 -2.76 20.37
C HIS A 83 -38.56 -2.26 19.80
N ALA A 84 -37.63 -3.18 19.61
CA ALA A 84 -36.37 -2.87 18.94
C ALA A 84 -36.46 -3.32 17.49
N GLU A 85 -36.06 -2.44 16.57
CA GLU A 85 -35.91 -2.84 15.17
C GLU A 85 -34.91 -3.98 15.08
N SER A 86 -35.33 -5.11 14.52
CA SER A 86 -34.51 -6.29 14.51
C SER A 86 -34.60 -6.98 13.16
N VAL A 87 -33.71 -7.92 12.94
CA VAL A 87 -33.67 -8.70 11.71
C VAL A 87 -33.74 -10.17 12.10
N LYS A 88 -34.75 -10.87 11.58
CA LYS A 88 -34.89 -12.31 11.76
C LYS A 88 -34.01 -13.00 10.72
N VAL A 89 -32.98 -13.70 11.18
CA VAL A 89 -31.98 -14.28 10.31
C VAL A 89 -32.14 -15.79 10.38
N ILE A 90 -32.51 -16.40 9.27
CA ILE A 90 -32.59 -17.86 9.16
C ILE A 90 -31.33 -18.34 8.47
N TYR A 91 -30.62 -19.27 9.10
CA TYR A 91 -29.32 -19.69 8.59
C TYR A 91 -29.19 -21.20 8.60
N ASP A 92 -28.28 -21.68 7.76
CA ASP A 92 -27.96 -23.10 7.69
C ASP A 92 -26.80 -23.37 8.63
N PRO A 93 -27.01 -24.06 9.76
CA PRO A 93 -25.90 -24.31 10.69
C PRO A 93 -24.82 -25.20 10.11
N LYS A 94 -25.08 -25.90 9.01
CA LYS A 94 -24.03 -26.67 8.35
C LYS A 94 -23.04 -25.77 7.62
N LYS A 95 -23.51 -24.62 7.14
CA LYS A 95 -22.69 -23.68 6.37
C LYS A 95 -22.09 -22.57 7.22
N ILE A 96 -22.79 -22.11 8.25
CA ILE A 96 -22.26 -21.08 9.13
C ILE A 96 -22.78 -21.33 10.54
N SER A 97 -21.89 -21.19 11.52
CA SER A 97 -22.27 -21.36 12.92
C SER A 97 -22.90 -20.07 13.46
N LEU A 98 -23.61 -20.20 14.58
CA LEU A 98 -24.11 -19.01 15.25
C LEU A 98 -22.97 -18.10 15.69
N ASP A 99 -21.86 -18.68 16.13
CA ASP A 99 -20.73 -17.88 16.61
C ASP A 99 -20.16 -17.00 15.50
N LYS A 100 -19.92 -17.57 14.33
CA LYS A 100 -19.39 -16.77 13.23
C LYS A 100 -20.45 -15.78 12.73
N LEU A 101 -21.71 -16.21 12.71
CA LEU A 101 -22.78 -15.30 12.34
C LEU A 101 -22.81 -14.08 13.24
N LEU A 102 -22.62 -14.27 14.55
CA LEU A 102 -22.57 -13.15 15.46
C LEU A 102 -21.39 -12.24 15.14
N ARG A 103 -20.25 -12.84 14.81
CA ARG A 103 -19.06 -12.04 14.54
C ARG A 103 -19.20 -11.22 13.28
N TYR A 104 -19.97 -11.70 12.30
CA TYR A 104 -20.33 -10.84 11.18
C TYR A 104 -21.18 -9.66 11.66
N TYR A 105 -22.13 -9.93 12.55
CA TYR A 105 -23.02 -8.89 13.07
C TYR A 105 -22.23 -7.87 13.87
N PHE A 106 -21.22 -8.32 14.62
CA PHE A 106 -20.40 -7.39 15.41
C PHE A 106 -19.72 -6.35 14.54
N LYS A 107 -19.47 -6.67 13.26
CA LYS A 107 -18.73 -5.77 12.39
C LYS A 107 -19.51 -4.53 11.99
N VAL A 108 -20.84 -4.53 12.13
CA VAL A 108 -21.64 -3.45 11.60
C VAL A 108 -22.48 -2.78 12.69
N VAL A 109 -22.10 -2.92 13.96
CA VAL A 109 -22.76 -2.21 15.04
C VAL A 109 -21.70 -1.62 15.96
N ASP A 110 -22.03 -0.48 16.55
CA ASP A 110 -21.27 0.05 17.68
C ASP A 110 -21.66 -0.76 18.92
N PRO A 111 -20.77 -1.62 19.43
CA PRO A 111 -21.16 -2.50 20.54
C PRO A 111 -21.25 -1.83 21.89
N VAL A 112 -20.78 -0.58 22.05
CA VAL A 112 -20.81 0.09 23.35
C VAL A 112 -21.85 1.21 23.42
N SER A 113 -22.45 1.62 22.32
CA SER A 113 -23.37 2.74 22.39
C SER A 113 -24.76 2.29 22.83
N VAL A 114 -25.44 3.17 23.55
CA VAL A 114 -26.77 2.89 24.11
C VAL A 114 -27.80 3.66 23.31
N ASN A 115 -28.77 2.94 22.75
CA ASN A 115 -29.92 3.53 22.06
C ASN A 115 -29.49 4.49 20.94
N LYS A 116 -28.40 4.17 20.24
CA LYS A 116 -27.93 5.02 19.16
C LYS A 116 -26.98 4.22 18.26
N GLN A 117 -27.25 4.24 16.96
CA GLN A 117 -26.37 3.69 15.94
C GLN A 117 -26.25 4.72 14.83
N GLY A 118 -25.04 5.20 14.59
CA GLY A 118 -24.88 6.29 13.64
C GLY A 118 -25.62 7.52 14.11
N ASN A 119 -26.55 8.02 13.29
CA ASN A 119 -27.36 9.18 13.64
C ASN A 119 -28.75 8.81 14.13
N ASP A 120 -29.07 7.52 14.19
CA ASP A 120 -30.40 7.07 14.57
C ASP A 120 -30.44 6.88 16.09
N VAL A 121 -31.21 7.74 16.76
CA VAL A 121 -31.28 7.82 18.21
C VAL A 121 -32.64 7.30 18.65
N GLY A 122 -32.65 6.47 19.68
CA GLY A 122 -33.91 5.99 20.19
C GLY A 122 -33.82 4.55 20.67
N ARG A 123 -34.86 4.16 21.39
CA ARG A 123 -34.93 2.85 22.00
C ARG A 123 -35.12 1.74 20.95
N GLN A 124 -35.79 2.06 19.84
CA GLN A 124 -35.98 1.07 18.79
C GLN A 124 -34.68 0.77 18.04
N TYR A 125 -33.62 1.54 18.29
CA TYR A 125 -32.32 1.33 17.70
C TYR A 125 -31.31 0.73 18.67
N ARG A 126 -31.78 0.18 19.79
CA ARG A 126 -30.84 -0.44 20.72
C ARG A 126 -30.32 -1.74 20.12
N THR A 127 -29.14 -2.14 20.55
CA THR A 127 -28.53 -3.37 20.09
C THR A 127 -28.93 -4.52 21.00
N GLY A 128 -29.18 -5.68 20.40
CA GLY A 128 -29.61 -6.83 21.15
C GLY A 128 -29.56 -8.08 20.30
N ILE A 129 -29.47 -9.22 21.00
CA ILE A 129 -29.50 -10.53 20.37
C ILE A 129 -30.57 -11.32 21.09
N TYR A 130 -31.59 -11.76 20.36
CA TYR A 130 -32.76 -12.42 20.93
C TYR A 130 -32.84 -13.83 20.39
N TYR A 131 -32.83 -14.81 21.29
CA TYR A 131 -32.77 -16.21 20.92
C TYR A 131 -34.08 -16.90 21.26
N VAL A 132 -34.33 -18.00 20.56
CA VAL A 132 -35.48 -18.88 20.81
C VAL A 132 -35.06 -20.27 21.24
N ASN A 133 -33.76 -20.54 21.34
CA ASN A 133 -33.25 -21.84 21.80
C ASN A 133 -32.37 -21.60 23.02
N SER A 134 -32.60 -22.38 24.07
CA SER A 134 -31.85 -22.18 25.32
C SER A 134 -30.36 -22.36 25.09
N ALA A 135 -29.98 -23.33 24.25
CA ALA A 135 -28.57 -23.62 24.03
C ALA A 135 -27.85 -22.46 23.35
N ASP A 136 -28.58 -21.54 22.74
CA ASP A 136 -27.94 -20.42 22.06
C ASP A 136 -27.42 -19.38 23.04
N LYS A 137 -27.93 -19.37 24.27
CA LYS A 137 -27.52 -18.33 25.22
C LYS A 137 -26.03 -18.41 25.54
N GLU A 138 -25.52 -19.63 25.76
CA GLU A 138 -24.10 -19.77 26.09
C GLU A 138 -23.21 -19.30 24.95
N VAL A 139 -23.58 -19.63 23.72
CA VAL A 139 -22.79 -19.18 22.56
C VAL A 139 -22.80 -17.66 22.47
N ILE A 140 -23.97 -17.05 22.61
CA ILE A 140 -24.06 -15.59 22.56
C ILE A 140 -23.19 -14.96 23.63
N ASP A 141 -23.28 -15.47 24.87
CA ASP A 141 -22.52 -14.86 25.97
C ASP A 141 -21.03 -14.99 25.74
N HIS A 142 -20.57 -16.15 25.25
CA HIS A 142 -19.16 -16.31 24.96
C HIS A 142 -18.70 -15.34 23.88
N ALA A 143 -19.49 -15.17 22.82
CA ALA A 143 -19.12 -14.28 21.72
C ALA A 143 -18.97 -12.84 22.19
N LEU A 144 -19.85 -12.41 23.10
CA LEU A 144 -19.76 -11.03 23.56
C LEU A 144 -18.51 -10.82 24.42
N LYS A 145 -18.16 -11.79 25.25
CA LYS A 145 -16.94 -11.66 26.06
C LYS A 145 -15.69 -11.63 25.17
N ALA A 146 -15.65 -12.48 24.15
CA ALA A 146 -14.55 -12.41 23.18
C ALA A 146 -14.51 -11.04 22.51
N LEU A 147 -15.65 -10.54 22.03
CA LEU A 147 -15.70 -9.20 21.44
C LEU A 147 -15.21 -8.15 22.43
N GLN A 148 -15.64 -8.26 23.69
CA GLN A 148 -15.22 -7.29 24.68
C GLN A 148 -13.73 -7.40 24.95
N LYS A 149 -13.20 -8.63 25.02
CA LYS A 149 -11.80 -8.86 25.37
C LYS A 149 -10.84 -8.26 24.36
N GLU A 150 -11.32 -7.77 23.22
CA GLU A 150 -10.45 -7.21 22.19
C GLU A 150 -10.79 -5.75 21.84
N VAL A 151 -12.06 -5.37 21.86
CA VAL A 151 -12.40 -3.97 21.61
C VAL A 151 -12.57 -3.18 22.91
N LYS A 152 -12.61 -3.86 24.05
CA LYS A 152 -12.63 -3.21 25.37
C LYS A 152 -13.90 -2.37 25.58
N GLY A 153 -13.99 -1.71 26.74
CA GLY A 153 -15.18 -0.96 27.10
C GLY A 153 -16.28 -1.84 27.71
N LYS A 154 -17.47 -1.26 27.80
CA LYS A 154 -18.65 -1.94 28.34
C LYS A 154 -19.61 -2.24 27.20
N ILE A 155 -19.83 -3.52 26.92
CA ILE A 155 -20.64 -3.93 25.79
C ILE A 155 -22.11 -3.72 26.13
N ALA A 156 -22.78 -2.90 25.32
CA ALA A 156 -24.16 -2.50 25.57
C ALA A 156 -25.17 -3.43 24.93
N ILE A 157 -24.71 -4.47 24.23
CA ILE A 157 -25.61 -5.37 23.52
C ILE A 157 -26.33 -6.24 24.54
N GLU A 158 -27.65 -6.13 24.59
CA GLU A 158 -28.44 -6.92 25.53
C GLU A 158 -28.74 -8.29 24.94
N VAL A 159 -28.94 -9.26 25.83
CA VAL A 159 -29.20 -10.64 25.45
C VAL A 159 -30.40 -11.12 26.26
N GLU A 160 -31.46 -11.52 25.56
CA GLU A 160 -32.71 -11.93 26.15
C GLU A 160 -33.35 -12.95 25.24
N PRO A 161 -34.18 -13.84 25.77
CA PRO A 161 -35.03 -14.65 24.90
C PRO A 161 -36.04 -13.78 24.17
N LEU A 162 -36.43 -14.22 22.98
CA LEU A 162 -37.45 -13.49 22.23
C LEU A 162 -38.79 -13.67 22.92
N LYS A 163 -39.43 -12.55 23.30
CA LYS A 163 -40.67 -12.62 24.07
C LYS A 163 -41.90 -12.47 23.20
N ASN A 164 -42.00 -11.35 22.48
CA ASN A 164 -43.04 -11.17 21.48
C ASN A 164 -42.42 -10.51 20.26
N TYR A 165 -42.87 -10.92 19.09
CA TYR A 165 -42.26 -10.47 17.85
C TYR A 165 -43.34 -10.27 16.80
N VAL A 166 -43.18 -9.26 15.95
CA VAL A 166 -44.10 -8.98 14.86
C VAL A 166 -43.31 -8.63 13.60
N ARG A 167 -43.57 -9.35 12.51
CA ARG A 167 -42.91 -9.05 11.24
C ARG A 167 -43.25 -7.63 10.79
N ALA A 168 -42.24 -6.90 10.34
CA ALA A 168 -42.44 -5.53 9.89
C ALA A 168 -43.35 -5.51 8.65
N GLU A 169 -43.90 -4.33 8.38
CA GLU A 169 -44.73 -4.15 7.20
C GLU A 169 -43.95 -4.49 5.94
N GLU A 170 -44.65 -5.03 4.95
CA GLU A 170 -43.98 -5.41 3.71
C GLU A 170 -43.35 -4.22 3.02
N TYR A 171 -43.79 -3.00 3.33
CA TYR A 171 -43.09 -1.82 2.87
C TYR A 171 -41.64 -1.82 3.32
N HIS A 172 -41.36 -2.34 4.52
CA HIS A 172 -40.01 -2.35 5.07
C HIS A 172 -39.22 -3.59 4.67
N GLN A 173 -39.88 -4.64 4.18
CA GLN A 173 -39.16 -5.84 3.77
C GLN A 173 -38.38 -5.56 2.49
N ASP A 174 -37.17 -6.14 2.41
CA ASP A 174 -36.34 -6.04 1.21
C ASP A 174 -36.13 -4.59 0.80
N TYR A 175 -36.07 -3.70 1.79
CA TYR A 175 -36.16 -2.27 1.53
C TYR A 175 -35.06 -1.79 0.59
N LEU A 176 -33.82 -2.22 0.83
CA LEU A 176 -32.74 -1.68 0.00
C LEU A 176 -32.70 -2.31 -1.39
N LYS A 177 -33.36 -3.46 -1.58
CA LYS A 177 -33.54 -3.96 -2.94
C LYS A 177 -34.48 -3.05 -3.73
N LYS A 178 -35.56 -2.58 -3.08
CA LYS A 178 -36.53 -1.72 -3.74
C LYS A 178 -36.04 -0.29 -3.88
N HIS A 179 -35.10 0.13 -3.04
CA HIS A 179 -34.62 1.52 -3.03
C HIS A 179 -33.11 1.52 -2.95
N PRO A 180 -32.44 1.21 -4.07
CA PRO A 180 -30.98 1.09 -4.03
C PRO A 180 -30.27 2.33 -3.52
N SER A 181 -30.90 3.50 -3.57
CA SER A 181 -30.32 4.70 -2.99
C SER A 181 -30.86 4.97 -1.59
N GLY A 182 -31.54 4.01 -0.96
CA GLY A 182 -32.11 4.20 0.35
C GLY A 182 -31.06 4.34 1.45
N TYR A 183 -31.54 4.73 2.63
CA TYR A 183 -30.66 5.00 3.76
C TYR A 183 -30.00 3.71 4.24
N CYS A 184 -28.67 3.71 4.25
CA CYS A 184 -27.91 2.54 4.67
C CYS A 184 -26.64 3.08 5.30
N HIS A 185 -26.53 2.93 6.62
CA HIS A 185 -25.42 3.54 7.35
C HIS A 185 -24.19 2.65 7.35
N ILE A 186 -24.38 1.34 7.25
CA ILE A 186 -23.28 0.39 7.40
C ILE A 186 -22.67 0.07 6.04
N ASP A 187 -21.51 -0.59 6.04
CA ASP A 187 -20.78 -0.92 4.82
C ASP A 187 -21.10 -2.36 4.45
N LEU A 188 -21.98 -2.52 3.46
CA LEU A 188 -22.42 -3.86 3.05
C LEU A 188 -21.28 -4.72 2.51
N LYS A 189 -20.17 -4.10 2.04
CA LYS A 189 -19.03 -4.88 1.57
C LYS A 189 -18.41 -5.74 2.67
N LYS A 190 -18.56 -5.34 3.93
CA LYS A 190 -18.04 -6.15 5.03
C LYS A 190 -18.64 -7.54 5.06
N ALA A 191 -19.79 -7.74 4.41
CA ALA A 191 -20.43 -9.05 4.38
C ALA A 191 -19.67 -10.04 3.50
N ASP A 192 -18.87 -9.55 2.56
CA ASP A 192 -18.06 -10.41 1.72
C ASP A 192 -16.73 -10.78 2.36
N GLU A 193 -16.38 -10.16 3.48
CA GLU A 193 -15.10 -10.45 4.11
C GLU A 193 -15.11 -11.85 4.68
N VAL A 194 -13.94 -12.45 4.72
CA VAL A 194 -13.71 -13.78 5.28
C VAL A 194 -13.43 -13.64 6.76
N ILE A 195 -14.02 -14.51 7.58
CA ILE A 195 -13.70 -14.57 9.00
C ILE A 195 -12.98 -15.89 9.25
N VAL A 196 -11.78 -15.81 9.83
CA VAL A 196 -10.93 -16.97 10.11
C VAL A 196 -10.88 -17.18 11.61
N ASP A 197 -11.34 -18.34 12.07
CA ASP A 197 -11.39 -18.63 13.50
C ASP A 197 -9.98 -18.84 14.06
N ASP A 198 -9.60 -18.03 15.05
CA ASP A 198 -8.26 -18.10 15.61
C ASP A 198 -8.05 -19.27 16.57
N ASP A 199 -9.05 -20.14 16.73
CA ASP A 199 -8.96 -21.21 17.72
C ASP A 199 -9.15 -22.60 17.12
N LYS A 200 -9.25 -22.71 15.80
CA LYS A 200 -9.33 -24.03 15.17
C LYS A 200 -8.04 -24.40 14.43
N TYR A 201 -7.00 -23.58 14.53
CA TYR A 201 -5.68 -23.91 14.02
C TYR A 201 -4.69 -23.67 15.14
N THR A 202 -3.77 -24.63 15.37
CA THR A 202 -2.78 -24.50 16.43
C THR A 202 -1.40 -24.80 15.91
N LYS A 203 -0.41 -24.09 16.44
CA LYS A 203 0.97 -24.37 16.11
C LYS A 203 1.46 -25.58 16.89
N PRO A 204 1.87 -26.66 16.23
CA PRO A 204 2.45 -27.78 16.96
C PRO A 204 3.77 -27.38 17.60
N SER A 205 4.21 -28.21 18.53
CA SER A 205 5.45 -27.96 19.25
C SER A 205 6.62 -27.87 18.26
N ASP A 206 7.69 -27.21 18.72
CA ASP A 206 8.89 -27.12 17.89
C ASP A 206 9.44 -28.50 17.54
N GLU A 207 9.28 -29.48 18.45
CA GLU A 207 9.78 -30.83 18.18
C GLU A 207 8.97 -31.52 17.08
N VAL A 208 7.65 -31.29 17.05
CA VAL A 208 6.84 -31.86 15.98
C VAL A 208 7.19 -31.21 14.64
N LEU A 209 7.45 -29.90 14.66
CA LEU A 209 7.76 -29.20 13.41
C LEU A 209 9.09 -29.65 12.84
N LYS A 210 10.01 -30.15 13.69
CA LYS A 210 11.30 -30.64 13.18
C LYS A 210 11.14 -31.90 12.37
N LYS A 211 10.10 -32.69 12.64
CA LYS A 211 9.83 -33.92 11.89
C LYS A 211 8.85 -33.70 10.76
N LYS A 212 7.97 -32.72 10.87
CA LYS A 212 6.92 -32.51 9.86
C LYS A 212 7.37 -31.63 8.71
N LEU A 213 8.25 -30.66 8.94
CA LEU A 213 8.70 -29.73 7.92
C LEU A 213 10.02 -30.18 7.32
N THR A 214 10.24 -29.82 6.06
CA THR A 214 11.56 -30.01 5.52
C THR A 214 12.54 -29.05 6.21
N LYS A 215 13.84 -29.33 6.01
CA LYS A 215 14.87 -28.42 6.50
C LYS A 215 14.60 -27.00 6.03
N LEU A 216 14.38 -26.82 4.72
CA LEU A 216 14.14 -25.48 4.18
C LEU A 216 12.88 -24.85 4.78
N GLN A 217 11.78 -25.61 4.83
CA GLN A 217 10.54 -25.05 5.37
C GLN A 217 10.73 -24.60 6.82
N TYR A 218 11.51 -25.35 7.58
CA TYR A 218 11.77 -24.98 8.97
C TYR A 218 12.58 -23.69 9.05
N GLU A 219 13.66 -23.59 8.29
CA GLU A 219 14.49 -22.39 8.37
C GLU A 219 13.73 -21.15 7.93
N VAL A 220 12.97 -21.24 6.83
CA VAL A 220 12.17 -20.11 6.39
C VAL A 220 11.21 -19.67 7.49
N THR A 221 10.32 -20.57 7.91
CA THR A 221 9.23 -20.17 8.79
C THR A 221 9.72 -19.84 10.19
N GLN A 222 10.70 -20.60 10.70
CA GLN A 222 11.16 -20.43 12.08
C GLN A 222 12.35 -19.49 12.22
N ASN A 223 13.24 -19.46 11.24
CA ASN A 223 14.46 -18.65 11.37
C ASN A 223 14.55 -17.56 10.29
N LYS A 224 13.46 -17.28 9.58
CA LYS A 224 13.35 -16.13 8.69
C LYS A 224 14.29 -16.21 7.49
N HIS A 225 14.67 -17.41 7.08
CA HIS A 225 15.36 -17.55 5.81
C HIS A 225 14.40 -17.28 4.65
N THR A 226 14.96 -17.19 3.45
CA THR A 226 14.23 -16.93 2.22
C THR A 226 14.61 -17.98 1.20
N GLU A 227 13.63 -18.63 0.59
CA GLU A 227 13.89 -19.62 -0.45
C GLU A 227 14.40 -18.93 -1.71
N LYS A 228 14.93 -19.73 -2.63
CA LYS A 228 15.48 -19.22 -3.88
C LYS A 228 14.37 -18.75 -4.82
N PRO A 229 14.46 -17.54 -5.38
CA PRO A 229 13.45 -17.12 -6.36
C PRO A 229 13.59 -17.91 -7.65
N PHE A 230 12.45 -18.15 -8.30
CA PHE A 230 12.30 -18.91 -9.54
C PHE A 230 12.61 -20.39 -9.38
N GLU A 231 12.84 -20.86 -8.16
CA GLU A 231 13.14 -22.26 -7.92
C GLU A 231 12.40 -22.73 -6.67
N ASN A 232 11.08 -22.50 -6.66
CA ASN A 232 10.21 -22.90 -5.56
C ASN A 232 8.88 -23.29 -6.17
N GLU A 233 8.05 -23.98 -5.38
CA GLU A 233 6.94 -24.70 -6.00
C GLU A 233 5.81 -23.79 -6.49
N TYR A 234 5.61 -22.63 -5.87
CA TYR A 234 4.36 -21.91 -6.08
C TYR A 234 4.48 -20.59 -6.85
N TYR A 235 5.68 -20.10 -7.14
CA TYR A 235 5.77 -18.75 -7.67
C TYR A 235 5.01 -18.60 -8.99
N ASN A 236 4.92 -19.68 -9.78
CA ASN A 236 4.24 -19.65 -11.07
C ASN A 236 2.98 -20.50 -11.07
N LYS A 237 2.44 -20.84 -9.89
CA LYS A 237 1.19 -21.58 -9.85
C LYS A 237 0.04 -20.64 -10.16
N GLU A 238 -0.86 -21.09 -11.04
CA GLU A 238 -2.04 -20.32 -11.43
C GLU A 238 -3.24 -21.26 -11.37
N GLU A 239 -3.66 -21.58 -10.16
CA GLU A 239 -4.70 -22.58 -9.94
C GLU A 239 -5.62 -22.10 -8.82
N GLU A 240 -6.90 -22.40 -8.94
CA GLU A 240 -7.86 -21.87 -7.98
C GLU A 240 -7.76 -22.65 -6.68
N GLY A 241 -7.75 -21.91 -5.57
CA GLY A 241 -7.75 -22.55 -4.26
C GLY A 241 -7.19 -21.60 -3.21
N ILE A 242 -6.70 -22.20 -2.13
CA ILE A 242 -6.34 -21.45 -0.94
C ILE A 242 -4.92 -21.82 -0.53
N TYR A 243 -4.19 -20.84 0.01
CA TYR A 243 -2.86 -21.04 0.57
C TYR A 243 -2.94 -20.86 2.07
N VAL A 244 -2.48 -21.86 2.80
CA VAL A 244 -2.57 -21.91 4.26
C VAL A 244 -1.17 -21.97 4.85
N ASP A 245 -1.08 -21.54 6.11
CA ASP A 245 0.15 -21.66 6.89
C ASP A 245 0.57 -23.11 6.96
N ILE A 246 1.76 -23.41 6.42
CA ILE A 246 2.26 -24.78 6.41
C ILE A 246 2.55 -25.31 7.81
N THR A 247 2.63 -24.44 8.81
CA THR A 247 2.88 -24.89 10.18
C THR A 247 1.61 -25.06 11.00
N THR A 248 0.51 -24.37 10.65
CA THR A 248 -0.72 -24.44 11.42
C THR A 248 -1.96 -24.77 10.61
N GLY A 249 -1.94 -24.61 9.30
CA GLY A 249 -3.17 -24.73 8.53
C GLY A 249 -4.02 -23.49 8.49
N GLU A 250 -3.62 -22.40 9.14
CA GLU A 250 -4.42 -21.18 9.12
C GLU A 250 -4.48 -20.61 7.70
N PRO A 251 -5.67 -20.28 7.19
CA PRO A 251 -5.75 -19.63 5.86
C PRO A 251 -5.00 -18.30 5.82
N LEU A 252 -4.30 -18.06 4.71
CA LEU A 252 -3.49 -16.85 4.62
C LEU A 252 -3.78 -16.04 3.36
N PHE A 253 -3.85 -16.73 2.21
CA PHE A 253 -3.98 -16.09 0.91
C PHE A 253 -4.93 -16.88 0.03
N SER A 254 -5.66 -16.15 -0.81
CA SER A 254 -6.55 -16.72 -1.81
C SER A 254 -5.86 -16.67 -3.17
N SER A 255 -6.10 -17.69 -4.00
CA SER A 255 -5.58 -17.67 -5.36
C SER A 255 -6.11 -16.49 -6.15
N ALA A 256 -7.27 -15.94 -5.77
CA ALA A 256 -7.82 -14.83 -6.51
C ALA A 256 -6.99 -13.56 -6.37
N ASP A 257 -6.14 -13.47 -5.36
CA ASP A 257 -5.29 -12.31 -5.15
C ASP A 257 -3.85 -12.56 -5.57
N LYS A 258 -3.57 -13.72 -6.15
CA LYS A 258 -2.24 -14.02 -6.64
C LYS A 258 -2.07 -13.42 -8.03
N TYR A 259 -0.85 -12.97 -8.33
CA TYR A 259 -0.55 -12.44 -9.65
C TYR A 259 0.91 -12.68 -9.93
N ASP A 260 1.29 -12.48 -11.18
CA ASP A 260 2.66 -12.71 -11.61
C ASP A 260 3.44 -11.41 -11.42
N SER A 261 4.28 -11.38 -10.39
CA SER A 261 5.09 -10.20 -10.11
C SER A 261 6.40 -10.16 -10.88
N GLY A 262 6.79 -11.27 -11.51
CA GLY A 262 8.09 -11.31 -12.15
C GLY A 262 9.26 -11.40 -11.20
N CYS A 263 9.02 -11.61 -9.90
CA CYS A 263 10.10 -11.59 -8.91
C CYS A 263 10.56 -12.98 -8.48
N GLY A 264 9.83 -14.04 -8.84
CA GLY A 264 10.26 -15.40 -8.54
C GLY A 264 9.73 -16.00 -7.26
N TRP A 265 8.91 -15.28 -6.50
CA TRP A 265 8.23 -15.84 -5.33
C TRP A 265 6.73 -15.69 -5.52
N PRO A 266 5.92 -16.55 -4.88
CA PRO A 266 4.47 -16.33 -4.87
C PRO A 266 4.17 -14.92 -4.42
N SER A 267 3.32 -14.22 -5.17
CA SER A 267 3.04 -12.81 -4.94
C SER A 267 1.54 -12.59 -4.87
N PHE A 268 1.10 -11.88 -3.83
CA PHE A 268 -0.32 -11.63 -3.60
C PHE A 268 -0.53 -10.14 -3.36
N SER A 269 -1.71 -9.67 -3.71
CA SER A 269 -2.03 -8.27 -3.51
C SER A 269 -2.56 -7.97 -2.12
N LYS A 270 -2.98 -8.99 -1.37
CA LYS A 270 -3.56 -8.79 -0.05
C LYS A 270 -3.75 -10.17 0.57
N PRO A 271 -3.76 -10.28 1.89
CA PRO A 271 -4.09 -11.57 2.52
C PRO A 271 -5.59 -11.81 2.46
N ILE A 272 -5.99 -13.03 2.83
CA ILE A 272 -7.38 -13.43 2.68
C ILE A 272 -8.30 -12.57 3.54
N ASN A 273 -7.79 -12.03 4.65
CA ASN A 273 -8.48 -10.96 5.37
C ASN A 273 -7.45 -10.16 6.15
N LYS A 274 -7.93 -9.16 6.90
CA LYS A 274 -7.04 -8.22 7.56
C LYS A 274 -6.48 -8.73 8.87
N ASP A 275 -6.80 -9.97 9.28
CA ASP A 275 -6.44 -10.47 10.60
C ASP A 275 -5.37 -11.55 10.60
N VAL A 276 -5.16 -12.25 9.49
CA VAL A 276 -4.33 -13.45 9.50
C VAL A 276 -2.83 -13.18 9.38
N VAL A 277 -2.42 -11.98 8.94
CA VAL A 277 -1.00 -11.68 8.87
C VAL A 277 -0.69 -10.47 9.73
N LYS A 278 0.51 -10.49 10.31
CA LYS A 278 1.05 -9.43 11.13
C LYS A 278 2.28 -8.85 10.45
N TYR A 279 2.69 -7.66 10.88
CA TYR A 279 3.72 -6.90 10.21
C TYR A 279 4.76 -6.46 11.22
N GLU A 280 6.03 -6.56 10.84
CA GLU A 280 7.11 -6.24 11.76
C GLU A 280 8.27 -5.65 10.98
N ASP A 281 8.99 -4.74 11.63
CA ASP A 281 10.18 -4.14 11.02
C ASP A 281 11.25 -5.20 10.78
N ASP A 282 11.95 -5.08 9.65
CA ASP A 282 13.06 -5.96 9.32
C ASP A 282 14.24 -5.09 8.88
N GLU A 283 15.32 -5.13 9.67
CA GLU A 283 16.48 -4.30 9.40
C GLU A 283 17.70 -5.12 8.98
N SER A 284 17.47 -6.38 8.62
CA SER A 284 18.58 -7.24 8.23
C SER A 284 19.05 -6.91 6.82
N LEU A 285 20.16 -7.54 6.44
CA LEU A 285 20.77 -7.40 5.11
C LEU A 285 21.07 -5.94 4.77
N ASN A 286 21.22 -5.11 5.80
CA ASN A 286 21.50 -3.67 5.64
C ASN A 286 20.45 -2.98 4.77
N ARG A 287 19.21 -3.46 4.83
CA ARG A 287 18.06 -2.81 4.20
C ARG A 287 17.02 -2.54 5.28
N LYS A 288 15.98 -1.78 4.92
CA LYS A 288 14.81 -1.64 5.79
C LYS A 288 13.57 -2.12 5.05
N ARG A 289 12.93 -3.16 5.59
CA ARG A 289 11.81 -3.80 4.94
C ARG A 289 10.76 -4.12 5.99
N ILE A 290 9.59 -4.55 5.54
CA ILE A 290 8.48 -4.93 6.41
C ILE A 290 8.27 -6.42 6.26
N GLU A 291 8.53 -7.18 7.33
CA GLU A 291 8.31 -8.62 7.34
C GLU A 291 6.84 -8.91 7.61
N VAL A 292 6.30 -9.92 6.93
CA VAL A 292 4.93 -10.38 7.19
C VAL A 292 4.99 -11.76 7.81
N LEU A 293 4.19 -11.95 8.86
CA LEU A 293 4.15 -13.20 9.60
C LEU A 293 2.70 -13.64 9.79
N SER A 294 2.51 -14.92 10.03
CA SER A 294 1.17 -15.45 10.28
C SER A 294 0.74 -15.18 11.72
N ARG A 295 -0.57 -15.01 11.90
CA ARG A 295 -1.11 -14.62 13.20
C ARG A 295 -0.96 -15.72 14.24
N ILE A 296 -1.44 -16.92 13.93
CA ILE A 296 -1.50 -17.98 14.93
C ILE A 296 -0.13 -18.62 15.11
N GLY A 297 0.51 -19.04 14.02
CA GLY A 297 1.79 -19.72 14.10
C GLY A 297 2.99 -18.82 14.27
N LYS A 298 2.82 -17.52 14.08
CA LYS A 298 3.92 -16.56 14.14
C LYS A 298 5.06 -16.98 13.23
N ALA A 299 4.69 -17.60 12.12
CA ALA A 299 5.66 -18.06 11.13
C ALA A 299 6.09 -16.90 10.25
N HIS A 300 7.37 -16.90 9.89
CA HIS A 300 7.86 -15.96 8.90
C HIS A 300 7.35 -16.38 7.53
N LEU A 301 6.66 -15.48 6.84
CA LEU A 301 6.10 -15.71 5.51
C LEU A 301 6.90 -15.05 4.40
N GLY A 302 7.36 -13.83 4.61
CA GLY A 302 8.10 -13.09 3.62
C GLY A 302 8.02 -11.61 3.92
N HIS A 303 7.78 -10.77 2.91
CA HIS A 303 7.77 -9.32 3.11
C HIS A 303 6.68 -8.70 2.26
N VAL A 304 6.34 -7.45 2.58
CA VAL A 304 5.36 -6.69 1.82
C VAL A 304 6.03 -5.43 1.30
N PHE A 305 5.83 -5.16 0.00
CA PHE A 305 6.41 -4.02 -0.69
C PHE A 305 5.29 -3.17 -1.29
N ASN A 306 5.63 -1.93 -1.64
CA ASN A 306 4.67 -1.01 -2.24
C ASN A 306 4.82 -0.90 -3.75
N ASP A 307 5.32 -1.94 -4.40
CA ASP A 307 5.51 -1.94 -5.85
C ASP A 307 4.59 -2.92 -6.55
N GLY A 308 3.45 -3.22 -5.94
CA GLY A 308 2.47 -4.06 -6.58
C GLY A 308 1.70 -3.30 -7.66
N PRO A 309 0.97 -4.03 -8.51
CA PRO A 309 0.25 -3.38 -9.61
C PRO A 309 -0.83 -2.45 -9.08
N LYS A 310 -0.92 -1.27 -9.70
CA LYS A 310 -1.84 -0.22 -9.27
C LYS A 310 -3.27 -0.73 -9.15
N GLU A 311 -3.74 -1.48 -10.14
CA GLU A 311 -5.17 -1.81 -10.20
C GLU A 311 -5.59 -2.78 -9.11
N LEU A 312 -4.64 -3.47 -8.47
CA LEU A 312 -4.95 -4.40 -7.39
C LEU A 312 -4.79 -3.79 -6.01
N GLY A 313 -4.31 -2.55 -5.91
CA GLY A 313 -4.13 -1.87 -4.64
C GLY A 313 -2.72 -1.36 -4.40
N GLY A 314 -1.74 -1.84 -5.16
CA GLY A 314 -0.37 -1.36 -5.07
C GLY A 314 0.56 -2.17 -4.19
N LEU A 315 0.05 -3.07 -3.34
CA LEU A 315 0.91 -3.84 -2.48
C LEU A 315 1.38 -5.13 -3.16
N ARG A 316 2.58 -5.58 -2.79
CA ARG A 316 3.07 -6.91 -3.16
C ARG A 316 3.42 -7.66 -1.89
N TYR A 317 2.65 -8.70 -1.60
CA TYR A 317 2.97 -9.65 -0.55
C TYR A 317 3.82 -10.74 -1.18
N SER A 318 5.12 -10.73 -0.87
CA SER A 318 6.10 -11.60 -1.48
C SER A 318 6.37 -12.71 -0.48
N ILE A 319 5.82 -13.89 -0.74
CA ILE A 319 5.71 -14.97 0.24
C ILE A 319 6.54 -16.14 -0.22
N ASN A 320 7.19 -16.82 0.73
CA ASN A 320 7.92 -18.04 0.40
C ASN A 320 6.93 -19.18 0.15
N SER A 321 7.10 -19.88 -0.98
CA SER A 321 6.43 -21.17 -1.16
C SER A 321 6.63 -22.06 0.06
N ALA A 322 7.84 -22.05 0.63
CA ALA A 322 8.17 -22.93 1.75
C ALA A 322 7.35 -22.64 2.99
N ALA A 323 6.69 -21.48 3.06
CA ALA A 323 5.85 -21.14 4.20
C ALA A 323 4.39 -21.53 3.98
N LEU A 324 4.06 -22.03 2.80
CA LEU A 324 2.67 -22.20 2.40
C LEU A 324 2.38 -23.65 2.03
N ARG A 325 1.10 -24.02 2.16
CA ARG A 325 0.58 -25.26 1.59
C ARG A 325 -0.64 -24.89 0.76
N PHE A 326 -0.56 -25.14 -0.54
CA PHE A 326 -1.67 -24.89 -1.45
C PHE A 326 -2.64 -26.06 -1.43
N ILE A 327 -3.92 -25.75 -1.32
CA ILE A 327 -4.98 -26.76 -1.39
C ILE A 327 -5.92 -26.36 -2.53
N PRO A 328 -5.98 -27.15 -3.60
CA PRO A 328 -6.87 -26.79 -4.72
C PRO A 328 -8.33 -26.77 -4.32
N LEU A 329 -9.11 -26.04 -5.11
CA LEU A 329 -10.55 -25.92 -4.86
C LEU A 329 -11.20 -27.27 -4.69
N LYS A 330 -10.93 -28.19 -5.62
CA LYS A 330 -11.49 -29.53 -5.55
C LYS A 330 -11.18 -30.27 -4.24
N ASP A 331 -10.10 -29.92 -3.55
CA ASP A 331 -9.70 -30.63 -2.34
C ASP A 331 -10.05 -29.89 -1.05
N MET A 332 -10.56 -28.67 -1.13
CA MET A 332 -10.73 -27.86 0.08
C MET A 332 -11.73 -28.46 1.06
N GLU A 333 -12.76 -29.14 0.55
CA GLU A 333 -13.78 -29.73 1.40
C GLU A 333 -13.21 -30.87 2.23
N LYS A 334 -12.53 -31.81 1.58
CA LYS A 334 -11.88 -32.93 2.27
C LYS A 334 -10.91 -32.46 3.33
N GLU A 335 -10.13 -31.42 3.03
CA GLU A 335 -9.04 -30.97 3.90
C GLU A 335 -9.52 -30.08 5.04
N GLY A 336 -10.81 -29.82 5.16
CA GLY A 336 -11.33 -29.04 6.27
C GLY A 336 -11.53 -27.56 6.00
N TYR A 337 -11.55 -27.14 4.73
CA TYR A 337 -11.63 -25.72 4.41
C TYR A 337 -12.86 -25.38 3.59
N GLY A 338 -13.86 -26.27 3.62
CA GLY A 338 -15.02 -26.11 2.75
C GLY A 338 -15.75 -24.79 2.95
N GLU A 339 -15.75 -24.24 4.17
CA GLU A 339 -16.46 -22.99 4.39
C GLU A 339 -15.81 -21.80 3.70
N PHE A 340 -14.62 -21.95 3.12
CA PHE A 340 -13.98 -20.89 2.35
C PHE A 340 -14.15 -21.05 0.84
N ILE A 341 -14.71 -22.16 0.36
CA ILE A 341 -14.86 -22.34 -1.08
C ILE A 341 -15.65 -21.22 -1.74
N PRO A 342 -16.84 -20.86 -1.28
CA PRO A 342 -17.56 -19.77 -1.98
C PRO A 342 -16.75 -18.48 -1.99
N TYR A 343 -15.87 -18.29 -1.02
CA TYR A 343 -15.07 -17.06 -0.96
C TYR A 343 -13.95 -17.08 -2.00
N ILE A 344 -13.28 -18.21 -2.16
CA ILE A 344 -12.29 -18.32 -3.23
C ILE A 344 -12.95 -18.13 -4.58
N LYS A 345 -14.07 -18.82 -4.80
CA LYS A 345 -14.72 -18.78 -6.11
C LYS A 345 -15.22 -17.38 -6.44
N LYS A 346 -15.87 -16.70 -5.48
CA LYS A 346 -16.31 -15.33 -5.72
C LYS A 346 -15.12 -14.43 -6.02
N GLY A 347 -14.00 -14.64 -5.33
CA GLY A 347 -12.80 -13.89 -5.65
C GLY A 347 -12.33 -14.15 -7.08
N GLU A 348 -12.35 -15.41 -7.51
CA GLU A 348 -11.87 -15.74 -8.84
C GLU A 348 -12.81 -15.23 -9.94
N LEU A 349 -14.12 -15.21 -9.67
CA LEU A 349 -15.04 -14.55 -10.60
C LEU A 349 -14.70 -13.07 -10.75
N LYS A 350 -14.34 -12.40 -9.65
CA LYS A 350 -14.03 -10.98 -9.74
C LYS A 350 -12.73 -10.75 -10.51
N LYS A 351 -11.73 -11.61 -10.30
CA LYS A 351 -10.50 -11.53 -11.09
C LYS A 351 -10.80 -11.77 -12.57
N TYR A 352 -11.72 -12.71 -12.84
CA TYR A 352 -12.10 -13.04 -14.22
C TYR A 352 -12.71 -11.85 -14.92
N ILE A 353 -13.63 -11.14 -14.26
CA ILE A 353 -14.27 -9.99 -14.88
C ILE A 353 -13.29 -8.83 -15.02
N ASN A 354 -12.48 -8.56 -14.00
CA ASN A 354 -11.56 -7.44 -14.10
C ASN A 354 -10.58 -7.63 -15.24
N ASP A 355 -10.22 -8.88 -15.55
CA ASP A 355 -9.40 -9.16 -16.73
C ASP A 355 -10.06 -8.71 -18.02
N LYS A 356 -11.39 -8.60 -18.05
CA LYS A 356 -12.07 -8.36 -19.32
C LYS A 356 -12.08 -6.89 -19.72
N LYS A 357 -11.50 -6.01 -18.92
CA LYS A 357 -11.40 -4.61 -19.30
C LYS A 357 -10.32 -4.38 -20.35
N ASP B 34 4.55 5.23 -29.05
CA ASP B 34 5.60 6.11 -28.52
C ASP B 34 6.47 5.40 -27.52
N GLU B 35 7.41 4.60 -28.00
CA GLU B 35 8.43 4.00 -27.15
C GLU B 35 9.76 4.51 -27.65
N ARG B 36 10.64 4.88 -26.74
CA ARG B 36 11.96 5.32 -27.15
C ARG B 36 13.00 4.48 -26.42
N VAL B 37 14.22 4.51 -26.94
CA VAL B 37 15.31 3.70 -26.43
C VAL B 37 16.51 4.59 -26.22
N ILE B 38 17.27 4.30 -25.17
CA ILE B 38 18.58 4.90 -24.95
C ILE B 38 19.45 3.80 -24.36
N TYR B 39 20.75 3.88 -24.63
CA TYR B 39 21.71 2.88 -24.17
C TYR B 39 22.68 3.56 -23.23
N LEU B 40 22.82 3.01 -22.02
CA LEU B 40 23.60 3.63 -20.96
C LEU B 40 24.65 2.64 -20.46
N ALA B 41 25.90 3.10 -20.44
CA ALA B 41 27.00 2.35 -19.84
C ALA B 41 27.39 3.02 -18.53
N GLY B 42 27.31 2.28 -17.44
CA GLY B 42 27.62 2.87 -16.15
C GLY B 42 28.24 1.89 -15.18
N GLY B 43 29.16 1.05 -15.65
CA GLY B 43 29.79 0.08 -14.78
C GLY B 43 29.09 -1.25 -14.84
N SER B 44 29.20 -2.05 -13.77
CA SER B 44 28.52 -3.35 -13.70
C SER B 44 27.06 -3.24 -14.11
N PHE B 45 26.68 -3.97 -15.16
CA PHE B 45 25.31 -3.83 -15.71
C PHE B 45 24.25 -4.55 -14.87
N TRP B 46 24.65 -5.40 -13.92
CA TRP B 46 23.65 -6.10 -13.06
C TRP B 46 22.91 -5.06 -12.23
N GLY B 47 23.65 -4.19 -11.54
CA GLY B 47 23.03 -3.18 -10.71
C GLY B 47 22.35 -2.11 -11.52
N LEU B 48 22.96 -1.70 -12.63
CA LEU B 48 22.38 -0.64 -13.43
C LEU B 48 21.08 -1.08 -14.09
N GLU B 49 20.99 -2.35 -14.49
CA GLU B 49 19.73 -2.86 -15.03
C GLU B 49 18.63 -2.82 -13.97
N ALA B 50 18.92 -3.36 -12.79
CA ALA B 50 17.95 -3.35 -11.70
C ALA B 50 17.53 -1.93 -11.35
N TYR B 51 18.46 -0.98 -11.42
CA TYR B 51 18.17 0.40 -11.06
C TYR B 51 17.23 1.05 -12.06
N MET B 52 17.54 0.93 -13.35
CA MET B 52 16.71 1.60 -14.35
C MET B 52 15.31 1.02 -14.37
N GLU B 53 15.18 -0.29 -14.09
CA GLU B 53 13.87 -0.94 -14.08
C GLU B 53 12.92 -0.30 -13.07
N ARG B 54 13.45 0.27 -12.00
CA ARG B 54 12.60 0.82 -10.95
C ARG B 54 12.18 2.25 -11.21
N ILE B 55 12.72 2.89 -12.25
CA ILE B 55 12.38 4.28 -12.53
C ILE B 55 10.99 4.33 -13.14
N TYR B 56 10.14 5.18 -12.59
CA TYR B 56 8.81 5.38 -13.18
C TYR B 56 8.95 5.96 -14.59
N GLY B 57 8.34 5.28 -15.57
CA GLY B 57 8.45 5.66 -16.96
C GLY B 57 9.30 4.71 -17.78
N VAL B 58 10.09 3.86 -17.15
CA VAL B 58 10.92 2.89 -17.86
C VAL B 58 10.06 1.66 -18.13
N ILE B 59 9.99 1.26 -19.40
CA ILE B 59 9.16 0.12 -19.78
C ILE B 59 9.92 -1.18 -19.57
N ASP B 60 11.12 -1.25 -20.12
CA ASP B 60 11.95 -2.42 -19.97
C ASP B 60 13.40 -1.97 -19.90
N ALA B 61 14.18 -2.70 -19.13
CA ALA B 61 15.63 -2.50 -19.06
C ALA B 61 16.28 -3.85 -19.29
N SER B 62 17.23 -3.90 -20.21
CA SER B 62 17.94 -5.13 -20.49
C SER B 62 19.43 -4.85 -20.58
N SER B 63 20.19 -5.93 -20.49
CA SER B 63 21.64 -5.96 -20.35
C SER B 63 22.29 -6.40 -21.67
N GLY B 64 23.42 -5.78 -21.97
CA GLY B 64 24.05 -6.00 -23.26
C GLY B 64 25.44 -5.41 -23.34
N TYR B 65 25.98 -5.43 -24.57
CA TYR B 65 27.32 -4.97 -24.86
C TYR B 65 27.29 -4.04 -26.08
N ALA B 66 27.83 -2.83 -25.94
CA ALA B 66 27.68 -1.81 -26.97
C ALA B 66 29.02 -1.25 -27.44
N ASN B 67 29.03 -0.83 -28.70
CA ASN B 67 30.11 -0.06 -29.31
C ASN B 67 31.48 -0.72 -29.09
N GLY B 68 31.55 -2.02 -29.36
CA GLY B 68 32.81 -2.72 -29.39
C GLY B 68 33.22 -2.99 -30.83
N LYS B 69 34.43 -3.54 -31.00
CA LYS B 69 35.07 -3.79 -32.28
C LYS B 69 34.09 -4.33 -33.32
N THR B 70 33.29 -5.28 -32.90
CA THR B 70 32.49 -6.06 -33.81
C THR B 70 31.04 -6.03 -33.37
N SER B 71 30.19 -6.62 -34.21
CA SER B 71 28.78 -6.72 -33.93
C SER B 71 28.39 -8.01 -33.21
N SER B 72 29.36 -8.71 -32.62
CA SER B 72 29.05 -9.90 -31.84
C SER B 72 30.18 -10.13 -30.85
N THR B 73 29.81 -10.66 -29.68
CA THR B 73 30.76 -10.93 -28.60
C THR B 73 30.02 -11.72 -27.54
N ASN B 74 30.74 -12.11 -26.47
CA ASN B 74 30.13 -12.67 -25.29
C ASN B 74 30.88 -12.18 -24.06
N TYR B 75 30.42 -12.60 -22.89
CA TYR B 75 30.99 -12.09 -21.64
C TYR B 75 32.48 -12.42 -21.50
N GLU B 76 32.94 -13.55 -22.03
CA GLU B 76 34.35 -13.94 -21.97
C GLU B 76 35.22 -13.19 -22.96
N LYS B 77 34.62 -12.57 -23.97
CA LYS B 77 35.39 -11.91 -25.01
C LYS B 77 35.36 -10.39 -24.89
N LEU B 78 34.80 -9.87 -23.80
CA LEU B 78 34.64 -8.43 -23.64
C LEU B 78 35.99 -7.73 -23.69
N HIS B 79 37.04 -8.35 -23.13
CA HIS B 79 38.35 -7.71 -23.12
C HIS B 79 38.86 -7.48 -24.53
N GLU B 80 38.63 -8.45 -25.43
CA GLU B 80 39.09 -8.32 -26.80
C GLU B 80 38.17 -7.43 -27.62
N SER B 81 36.85 -7.61 -27.50
CA SER B 81 35.89 -6.94 -28.37
C SER B 81 35.72 -5.46 -28.06
N ASP B 82 36.22 -4.98 -26.92
CA ASP B 82 36.20 -3.57 -26.55
C ASP B 82 34.78 -3.04 -26.37
N HIS B 83 33.80 -3.92 -26.13
CA HIS B 83 32.45 -3.45 -25.85
C HIS B 83 32.37 -2.88 -24.44
N ALA B 84 31.38 -2.01 -24.23
CA ALA B 84 31.07 -1.51 -22.90
C ALA B 84 29.83 -2.21 -22.39
N GLU B 85 29.91 -2.73 -21.16
CA GLU B 85 28.73 -3.24 -20.47
C GLU B 85 27.67 -2.16 -20.42
N SER B 86 26.48 -2.46 -20.95
CA SER B 86 25.49 -1.43 -21.18
C SER B 86 24.11 -1.94 -20.82
N VAL B 87 23.20 -0.99 -20.61
CA VAL B 87 21.82 -1.29 -20.33
C VAL B 87 20.96 -0.64 -21.41
N LYS B 88 20.17 -1.45 -22.10
CA LYS B 88 19.20 -0.94 -23.07
C LYS B 88 17.94 -0.53 -22.32
N VAL B 89 17.62 0.75 -22.33
CA VAL B 89 16.48 1.27 -21.58
C VAL B 89 15.40 1.69 -22.58
N ILE B 90 14.25 1.04 -22.50
CA ILE B 90 13.06 1.42 -23.26
C ILE B 90 12.13 2.17 -22.32
N TYR B 91 11.73 3.38 -22.71
CA TYR B 91 10.97 4.22 -21.81
C TYR B 91 9.79 4.84 -22.56
N ASP B 92 8.79 5.25 -21.77
CA ASP B 92 7.62 5.96 -22.27
C ASP B 92 7.88 7.44 -22.17
N PRO B 93 8.12 8.15 -23.27
CA PRO B 93 8.41 9.60 -23.17
C PRO B 93 7.24 10.43 -22.67
N LYS B 94 6.03 9.88 -22.60
CA LYS B 94 4.95 10.64 -21.98
C LYS B 94 5.10 10.67 -20.47
N LYS B 95 5.74 9.64 -19.89
CA LYS B 95 5.87 9.50 -18.45
C LYS B 95 7.20 10.04 -17.91
N ILE B 96 8.29 9.87 -18.66
CA ILE B 96 9.58 10.40 -18.28
C ILE B 96 10.29 10.92 -19.53
N SER B 97 10.94 12.06 -19.41
CA SER B 97 11.73 12.55 -20.53
C SER B 97 13.11 11.88 -20.54
N LEU B 98 13.80 12.02 -21.67
CA LEU B 98 15.18 11.58 -21.74
C LEU B 98 16.05 12.37 -20.78
N ASP B 99 15.78 13.69 -20.65
CA ASP B 99 16.56 14.53 -19.74
C ASP B 99 16.46 14.03 -18.31
N LYS B 100 15.23 13.77 -17.83
CA LYS B 100 15.09 13.28 -16.47
C LYS B 100 15.69 11.90 -16.32
N LEU B 101 15.55 11.05 -17.34
CA LEU B 101 16.12 9.71 -17.30
C LEU B 101 17.64 9.77 -17.15
N LEU B 102 18.29 10.65 -17.90
CA LEU B 102 19.74 10.81 -17.76
C LEU B 102 20.09 11.25 -16.35
N ARG B 103 19.26 12.10 -15.74
CA ARG B 103 19.56 12.59 -14.40
C ARG B 103 19.46 11.48 -13.36
N TYR B 104 18.48 10.57 -13.49
CA TYR B 104 18.51 9.38 -12.64
C TYR B 104 19.79 8.60 -12.84
N TYR B 105 20.24 8.51 -14.10
CA TYR B 105 21.44 7.73 -14.42
C TYR B 105 22.69 8.37 -13.83
N PHE B 106 22.74 9.71 -13.78
CA PHE B 106 23.89 10.39 -13.19
C PHE B 106 24.05 10.07 -11.71
N LYS B 107 22.94 9.76 -11.02
CA LYS B 107 23.00 9.50 -9.59
C LYS B 107 23.79 8.26 -9.23
N VAL B 108 24.05 7.37 -10.19
CA VAL B 108 24.59 6.06 -9.84
C VAL B 108 25.86 5.76 -10.64
N VAL B 109 26.52 6.78 -11.19
CA VAL B 109 27.82 6.61 -11.81
C VAL B 109 28.75 7.69 -11.26
N ASP B 110 30.02 7.34 -11.12
CA ASP B 110 31.09 8.31 -10.95
C ASP B 110 31.31 8.99 -12.29
N PRO B 111 30.89 10.24 -12.48
CA PRO B 111 30.87 10.83 -13.82
C PRO B 111 32.24 11.28 -14.34
N VAL B 112 33.29 11.26 -13.53
CA VAL B 112 34.60 11.68 -14.00
C VAL B 112 35.61 10.53 -14.03
N SER B 113 35.29 9.40 -13.43
CA SER B 113 36.21 8.28 -13.42
C SER B 113 36.33 7.70 -14.83
N VAL B 114 37.54 7.23 -15.15
CA VAL B 114 37.84 6.71 -16.48
C VAL B 114 38.13 5.22 -16.35
N ASN B 115 37.29 4.41 -16.98
CA ASN B 115 37.45 2.95 -17.02
C ASN B 115 37.47 2.31 -15.62
N LYS B 116 36.73 2.87 -14.66
CA LYS B 116 36.42 2.10 -13.46
C LYS B 116 35.20 2.71 -12.78
N GLN B 117 34.37 1.83 -12.21
CA GLN B 117 33.29 2.20 -11.32
C GLN B 117 33.41 1.30 -10.10
N GLY B 118 33.47 1.91 -8.92
CA GLY B 118 33.73 1.11 -7.73
C GLY B 118 35.05 0.38 -7.89
N ASN B 119 35.03 -0.93 -7.68
CA ASN B 119 36.23 -1.75 -7.83
C ASN B 119 36.30 -2.41 -9.19
N ASP B 120 35.38 -2.12 -10.10
CA ASP B 120 35.33 -2.76 -11.41
C ASP B 120 36.17 -1.95 -12.39
N VAL B 121 37.29 -2.52 -12.82
CA VAL B 121 38.30 -1.83 -13.62
C VAL B 121 38.29 -2.40 -15.02
N GLY B 122 38.36 -1.52 -16.02
CA GLY B 122 38.50 -1.96 -17.40
C GLY B 122 37.67 -1.15 -18.37
N ARG B 123 37.95 -1.34 -19.66
CA ARG B 123 37.25 -0.62 -20.71
C ARG B 123 35.78 -1.03 -20.82
N GLN B 124 35.45 -2.27 -20.45
CA GLN B 124 34.05 -2.68 -20.47
C GLN B 124 33.23 -2.00 -19.38
N TYR B 125 33.86 -1.28 -18.46
CA TYR B 125 33.20 -0.57 -17.39
C TYR B 125 33.23 0.94 -17.61
N ARG B 126 33.57 1.38 -18.81
CA ARG B 126 33.59 2.81 -19.09
C ARG B 126 32.17 3.36 -19.08
N THR B 127 32.06 4.67 -18.84
CA THR B 127 30.75 5.31 -18.86
C THR B 127 30.43 5.79 -20.27
N GLY B 128 29.16 5.72 -20.64
CA GLY B 128 28.77 6.13 -21.96
C GLY B 128 27.27 6.27 -22.09
N ILE B 129 26.88 7.12 -23.05
CA ILE B 129 25.49 7.28 -23.44
C ILE B 129 25.42 7.14 -24.95
N TYR B 130 24.73 6.09 -25.42
CA TYR B 130 24.70 5.74 -26.82
C TYR B 130 23.28 5.87 -27.36
N TYR B 131 23.12 6.66 -28.42
CA TYR B 131 21.80 7.05 -28.91
C TYR B 131 21.58 6.56 -30.33
N VAL B 132 20.30 6.34 -30.65
CA VAL B 132 19.88 5.93 -31.99
C VAL B 132 19.07 7.01 -32.69
N ASN B 133 18.76 8.12 -32.03
CA ASN B 133 18.05 9.23 -32.66
C ASN B 133 18.92 10.48 -32.65
N SER B 134 18.92 11.19 -33.78
CA SER B 134 19.77 12.37 -33.93
C SER B 134 19.36 13.48 -32.98
N ALA B 135 18.05 13.61 -32.72
CA ALA B 135 17.57 14.64 -31.80
C ALA B 135 18.02 14.41 -30.37
N ASP B 136 18.47 13.19 -30.04
CA ASP B 136 18.88 12.89 -28.68
C ASP B 136 20.24 13.47 -28.34
N LYS B 137 21.07 13.78 -29.35
CA LYS B 137 22.41 14.29 -29.07
C LYS B 137 22.35 15.61 -28.32
N GLU B 138 21.45 16.51 -28.73
CA GLU B 138 21.36 17.81 -28.07
C GLU B 138 20.93 17.65 -26.61
N VAL B 139 19.97 16.76 -26.35
CA VAL B 139 19.52 16.52 -24.98
C VAL B 139 20.67 16.01 -24.12
N ILE B 140 21.45 15.07 -24.66
CA ILE B 140 22.55 14.49 -23.90
C ILE B 140 23.64 15.53 -23.63
N ASP B 141 23.97 16.35 -24.62
CA ASP B 141 25.02 17.36 -24.45
C ASP B 141 24.64 18.39 -23.39
N HIS B 142 23.39 18.83 -23.40
CA HIS B 142 22.91 19.79 -22.41
C HIS B 142 22.92 19.18 -21.01
N ALA B 143 22.40 17.96 -20.87
CA ALA B 143 22.40 17.29 -19.57
C ALA B 143 23.81 17.19 -18.98
N LEU B 144 24.81 16.96 -19.83
CA LEU B 144 26.14 16.69 -19.29
C LEU B 144 26.80 17.97 -18.77
N LYS B 145 26.64 19.08 -19.50
CA LYS B 145 27.17 20.36 -19.01
C LYS B 145 26.42 20.85 -17.80
N ALA B 146 25.11 20.70 -17.78
CA ALA B 146 24.35 20.92 -16.56
C ALA B 146 24.92 20.09 -15.41
N LEU B 147 25.38 18.89 -15.74
CA LEU B 147 26.02 18.01 -14.72
C LEU B 147 27.43 18.54 -14.46
N GLN B 148 28.09 19.01 -15.51
CA GLN B 148 29.48 19.53 -15.43
C GLN B 148 29.55 20.71 -14.45
N LYS B 149 28.50 21.53 -14.39
CA LYS B 149 28.48 22.71 -13.49
C LYS B 149 28.44 22.27 -12.03
N GLU B 150 27.80 21.14 -11.74
CA GLU B 150 27.70 20.64 -10.34
C GLU B 150 28.69 19.50 -10.11
N VAL B 151 29.83 19.51 -10.80
CA VAL B 151 30.84 18.41 -10.64
C VAL B 151 32.25 19.00 -10.73
N GLY B 153 35.81 18.45 -11.77
CA GLY B 153 36.60 17.54 -12.63
C GLY B 153 36.07 17.55 -14.05
N LYS B 154 36.71 16.80 -14.95
CA LYS B 154 36.26 16.75 -16.36
C LYS B 154 35.36 15.53 -16.56
N ILE B 155 34.10 15.75 -16.97
CA ILE B 155 33.13 14.64 -17.19
C ILE B 155 33.75 13.65 -18.18
N ALA B 156 33.94 12.40 -17.75
CA ALA B 156 34.53 11.37 -18.58
C ALA B 156 33.50 10.57 -19.37
N ILE B 157 32.22 10.85 -19.19
CA ILE B 157 31.16 10.10 -19.86
C ILE B 157 31.23 10.39 -21.35
N GLU B 158 31.40 9.35 -22.15
CA GLU B 158 31.46 9.51 -23.60
C GLU B 158 30.06 9.46 -24.21
N VAL B 159 29.87 10.22 -25.28
CA VAL B 159 28.59 10.35 -25.97
C VAL B 159 28.83 10.06 -27.43
N GLU B 160 28.10 9.08 -27.97
CA GLU B 160 28.38 8.52 -29.28
C GLU B 160 27.11 7.89 -29.80
N PRO B 161 26.90 7.85 -31.11
CA PRO B 161 25.79 7.04 -31.62
C PRO B 161 26.06 5.56 -31.39
N LEU B 162 24.98 4.79 -31.32
CA LEU B 162 25.13 3.35 -31.19
C LEU B 162 25.66 2.80 -32.51
N LYS B 163 26.79 2.11 -32.45
CA LYS B 163 27.43 1.57 -33.63
C LYS B 163 27.13 0.09 -33.83
N ASN B 164 27.34 -0.72 -32.80
CA ASN B 164 26.88 -2.11 -32.77
C ASN B 164 26.41 -2.42 -31.36
N TYR B 165 25.66 -3.51 -31.23
CA TYR B 165 25.11 -3.85 -29.94
C TYR B 165 24.74 -5.32 -29.89
N VAL B 166 25.09 -5.97 -28.79
CA VAL B 166 24.84 -7.40 -28.57
C VAL B 166 24.08 -7.54 -27.26
N ARG B 167 22.92 -8.18 -27.30
CA ARG B 167 22.22 -8.49 -26.07
C ARG B 167 23.01 -9.50 -25.24
N ALA B 168 23.09 -9.24 -23.94
CA ALA B 168 23.85 -10.13 -23.07
C ALA B 168 23.15 -11.46 -22.92
N GLU B 169 23.95 -12.48 -22.58
CA GLU B 169 23.45 -13.83 -22.38
C GLU B 169 22.28 -13.83 -21.40
N GLU B 170 21.37 -14.78 -21.59
CA GLU B 170 20.21 -14.90 -20.71
C GLU B 170 20.63 -15.03 -19.26
N TYR B 171 21.84 -15.54 -19.02
CA TYR B 171 22.36 -15.64 -17.67
C TYR B 171 22.50 -14.29 -17.01
N HIS B 172 22.85 -13.26 -17.78
CA HIS B 172 23.04 -11.93 -17.24
C HIS B 172 21.76 -11.09 -17.20
N GLN B 173 20.72 -11.52 -17.89
CA GLN B 173 19.47 -10.76 -17.86
C GLN B 173 18.80 -10.92 -16.50
N ASP B 174 18.17 -9.84 -16.02
CA ASP B 174 17.43 -9.82 -14.75
C ASP B 174 18.25 -10.42 -13.61
N TYR B 175 19.56 -10.14 -13.64
CA TYR B 175 20.48 -10.88 -12.79
C TYR B 175 20.11 -10.73 -11.31
N LEU B 176 19.90 -9.50 -10.84
CA LEU B 176 19.67 -9.30 -9.41
C LEU B 176 18.29 -9.79 -8.98
N LYS B 177 17.36 -9.98 -9.92
CA LYS B 177 16.13 -10.69 -9.60
C LYS B 177 16.40 -12.15 -9.28
N LYS B 178 17.22 -12.81 -10.10
CA LYS B 178 17.49 -14.23 -9.90
C LYS B 178 18.43 -14.46 -8.73
N HIS B 179 19.25 -13.48 -8.40
CA HIS B 179 20.24 -13.59 -7.32
C HIS B 179 20.09 -12.35 -6.45
N PRO B 180 19.11 -12.35 -5.56
CA PRO B 180 18.91 -11.15 -4.73
C PRO B 180 20.13 -10.78 -3.92
N SER B 181 21.04 -11.70 -3.67
CA SER B 181 22.27 -11.44 -2.95
C SER B 181 23.43 -11.07 -3.87
N GLY B 182 23.19 -10.93 -5.16
CA GLY B 182 24.26 -10.74 -6.10
C GLY B 182 24.96 -9.40 -5.96
N TYR B 183 26.11 -9.31 -6.63
CA TYR B 183 26.94 -8.11 -6.57
C TYR B 183 26.21 -6.89 -7.10
N CYS B 184 26.01 -5.91 -6.23
CA CYS B 184 25.37 -4.66 -6.62
C CYS B 184 26.12 -3.57 -5.88
N HIS B 185 26.82 -2.72 -6.63
CA HIS B 185 27.62 -1.65 -6.04
C HIS B 185 26.80 -0.39 -5.78
N ILE B 186 25.71 -0.19 -6.52
CA ILE B 186 24.97 1.06 -6.42
C ILE B 186 23.81 0.91 -5.45
N ASP B 187 23.24 2.04 -5.02
CA ASP B 187 22.12 2.05 -4.08
C ASP B 187 20.82 2.15 -4.86
N LEU B 188 20.10 1.02 -4.93
CA LEU B 188 18.89 0.95 -5.74
C LEU B 188 17.78 1.85 -5.21
N LYS B 189 17.84 2.27 -3.94
CA LYS B 189 16.80 3.12 -3.38
C LYS B 189 16.76 4.48 -4.08
N LYS B 190 17.88 4.92 -4.65
CA LYS B 190 17.90 6.18 -5.38
C LYS B 190 16.90 6.21 -6.54
N ALA B 191 16.46 5.04 -7.02
CA ALA B 191 15.46 5.00 -8.07
C ALA B 191 14.08 5.42 -7.58
N ASP B 192 13.82 5.38 -6.28
CA ASP B 192 12.56 5.83 -5.72
C ASP B 192 12.53 7.32 -5.41
N GLU B 193 13.67 7.99 -5.41
CA GLU B 193 13.69 9.40 -5.10
C GLU B 193 13.05 10.19 -6.25
N VAL B 194 12.41 11.27 -5.89
CA VAL B 194 11.76 12.18 -6.82
C VAL B 194 12.79 13.17 -7.33
N ILE B 195 12.74 13.48 -8.62
CA ILE B 195 13.55 14.55 -9.18
C ILE B 195 12.65 15.72 -9.52
N VAL B 196 13.02 16.91 -9.04
CA VAL B 196 12.22 18.13 -9.24
C VAL B 196 13.01 19.05 -10.15
N ASP B 197 12.43 19.36 -11.31
CA ASP B 197 13.10 20.24 -12.28
C ASP B 197 13.14 21.66 -11.74
N ASP B 198 14.34 22.19 -11.58
CA ASP B 198 14.53 23.54 -11.04
C ASP B 198 14.25 24.65 -12.05
N ASP B 199 13.85 24.31 -13.28
CA ASP B 199 13.62 25.32 -14.31
C ASP B 199 12.20 25.35 -14.84
N LYS B 200 11.29 24.52 -14.33
CA LYS B 200 9.89 24.62 -14.75
C LYS B 200 9.01 25.30 -13.71
N TYR B 201 9.60 25.89 -12.69
CA TYR B 201 8.89 26.74 -11.73
C TYR B 201 9.73 27.99 -11.58
N THR B 202 9.06 29.14 -11.46
CA THR B 202 9.75 30.42 -11.36
C THR B 202 9.04 31.29 -10.33
N LYS B 203 9.80 32.19 -9.73
CA LYS B 203 9.25 33.13 -8.78
C LYS B 203 8.74 34.36 -9.51
N PRO B 204 7.45 34.67 -9.46
CA PRO B 204 6.99 35.92 -10.03
C PRO B 204 7.57 37.12 -9.27
N SER B 205 7.57 38.26 -9.95
CA SER B 205 8.10 39.49 -9.39
C SER B 205 7.43 39.80 -8.06
N ASP B 206 8.08 40.66 -7.28
CA ASP B 206 7.47 41.11 -6.03
C ASP B 206 6.15 41.81 -6.28
N GLU B 207 6.02 42.53 -7.39
CA GLU B 207 4.78 43.23 -7.70
C GLU B 207 3.64 42.24 -7.95
N VAL B 208 3.91 41.18 -8.71
CA VAL B 208 2.85 40.19 -8.95
C VAL B 208 2.45 39.53 -7.64
N LEU B 209 3.41 39.19 -6.77
CA LEU B 209 3.07 38.50 -5.54
C LEU B 209 2.22 39.37 -4.62
N LYS B 210 2.45 40.69 -4.61
CA LYS B 210 1.59 41.59 -3.84
C LYS B 210 0.13 41.48 -4.25
N LYS B 211 -0.15 41.01 -5.46
CA LYS B 211 -1.52 40.87 -5.93
C LYS B 211 -2.05 39.45 -5.82
N LYS B 212 -1.16 38.47 -5.89
CA LYS B 212 -1.54 37.06 -5.90
C LYS B 212 -1.62 36.46 -4.51
N LEU B 213 -0.91 37.02 -3.54
CA LEU B 213 -0.91 36.48 -2.18
C LEU B 213 -1.77 37.32 -1.26
N THR B 214 -2.46 36.66 -0.33
CA THR B 214 -3.04 37.39 0.78
C THR B 214 -1.95 38.10 1.57
N LYS B 215 -2.38 39.08 2.37
CA LYS B 215 -1.47 39.80 3.24
C LYS B 215 -0.64 38.84 4.08
N LEU B 216 -1.29 37.82 4.68
CA LEU B 216 -0.58 36.89 5.55
C LEU B 216 0.42 36.06 4.75
N GLN B 217 -0.02 35.49 3.63
CA GLN B 217 0.88 34.68 2.82
C GLN B 217 2.11 35.47 2.39
N TYR B 218 1.93 36.74 2.01
CA TYR B 218 3.07 37.57 1.68
C TYR B 218 4.00 37.74 2.88
N GLU B 219 3.44 38.09 4.05
CA GLU B 219 4.29 38.36 5.21
C GLU B 219 5.00 37.10 5.66
N VAL B 220 4.33 35.95 5.62
CA VAL B 220 4.95 34.69 5.98
C VAL B 220 6.12 34.39 5.03
N THR B 221 5.85 34.30 3.72
CA THR B 221 6.88 33.81 2.79
C THR B 221 7.96 34.85 2.53
N GLN B 222 7.62 36.14 2.50
CA GLN B 222 8.59 37.17 2.13
C GLN B 222 9.22 37.87 3.33
N ASN B 223 8.53 37.96 4.46
CA ASN B 223 9.07 38.65 5.62
C ASN B 223 9.22 37.74 6.84
N LYS B 224 9.09 36.42 6.66
CA LYS B 224 9.43 35.41 7.68
C LYS B 224 8.51 35.47 8.90
N HIS B 225 7.29 35.98 8.73
CA HIS B 225 6.31 35.89 9.79
C HIS B 225 5.82 34.45 9.95
N THR B 226 5.06 34.21 11.02
CA THR B 226 4.54 32.89 11.35
C THR B 226 3.03 33.00 11.56
N GLU B 227 2.28 32.12 10.91
CA GLU B 227 0.84 32.09 11.07
C GLU B 227 0.48 31.53 12.44
N LYS B 228 -0.78 31.68 12.80
CA LYS B 228 -1.25 31.29 14.11
C LYS B 228 -1.44 29.77 14.17
N PRO B 229 -0.94 29.10 15.20
CA PRO B 229 -1.13 27.65 15.28
C PRO B 229 -2.56 27.29 15.65
N PHE B 230 -3.03 26.20 15.09
CA PHE B 230 -4.38 25.65 15.25
C PHE B 230 -5.44 26.50 14.54
N GLU B 231 -5.06 27.58 13.85
CA GLU B 231 -6.02 28.37 13.09
C GLU B 231 -5.45 28.68 11.71
N ASN B 232 -5.12 27.60 10.99
CA ASN B 232 -4.64 27.65 9.62
C ASN B 232 -5.21 26.45 8.88
N GLU B 233 -5.07 26.44 7.56
CA GLU B 233 -5.90 25.53 6.77
C GLU B 233 -5.40 24.09 6.79
N TYR B 234 -4.08 23.88 6.87
CA TYR B 234 -3.53 22.57 6.59
C TYR B 234 -3.03 21.79 7.81
N TYR B 235 -3.03 22.37 9.01
CA TYR B 235 -2.38 21.65 10.11
C TYR B 235 -3.07 20.32 10.39
N ASN B 236 -4.38 20.25 10.23
CA ASN B 236 -5.13 19.03 10.47
C ASN B 236 -5.59 18.34 9.19
N LYS B 237 -5.03 18.71 8.04
CA LYS B 237 -5.41 18.04 6.81
C LYS B 237 -4.78 16.66 6.75
N GLU B 238 -5.61 15.66 6.41
CA GLU B 238 -5.16 14.26 6.26
C GLU B 238 -5.67 13.75 4.92
N GLU B 239 -5.10 14.25 3.84
CA GLU B 239 -5.60 13.95 2.50
C GLU B 239 -4.41 13.69 1.57
N GLU B 240 -4.55 12.74 0.67
CA GLU B 240 -3.44 12.36 -0.19
C GLU B 240 -3.23 13.40 -1.27
N GLY B 241 -1.98 13.80 -1.46
CA GLY B 241 -1.63 14.75 -2.50
C GLY B 241 -0.30 15.40 -2.20
N ILE B 242 -0.08 16.56 -2.80
CA ILE B 242 1.21 17.21 -2.81
C ILE B 242 1.06 18.63 -2.30
N TYR B 243 2.07 19.11 -1.56
CA TYR B 243 2.13 20.48 -1.08
C TYR B 243 3.22 21.19 -1.86
N VAL B 244 2.87 22.31 -2.51
CA VAL B 244 3.84 23.04 -3.33
C VAL B 244 4.07 24.42 -2.74
N ASP B 245 5.16 25.04 -3.17
CA ASP B 245 5.45 26.42 -2.80
C ASP B 245 4.37 27.33 -3.36
N ILE B 246 3.68 28.05 -2.48
CA ILE B 246 2.59 28.92 -2.90
C ILE B 246 3.08 30.07 -3.78
N THR B 247 4.37 30.40 -3.76
CA THR B 247 4.86 31.48 -4.60
C THR B 247 5.37 31.01 -5.96
N THR B 248 5.74 29.74 -6.11
CA THR B 248 6.29 29.23 -7.36
C THR B 248 5.65 27.96 -7.89
N GLY B 249 4.90 27.20 -7.09
CA GLY B 249 4.47 25.90 -7.52
C GLY B 249 5.51 24.79 -7.42
N GLU B 250 6.72 25.08 -6.94
CA GLU B 250 7.73 24.01 -6.78
C GLU B 250 7.26 23.00 -5.75
N PRO B 251 7.26 21.70 -6.06
CA PRO B 251 6.85 20.70 -5.06
C PRO B 251 7.76 20.75 -3.84
N LEU B 252 7.15 20.60 -2.66
CA LEU B 252 7.91 20.75 -1.42
C LEU B 252 7.74 19.57 -0.49
N PHE B 253 6.50 19.11 -0.30
CA PHE B 253 6.21 18.05 0.66
C PHE B 253 5.18 17.08 0.11
N SER B 254 5.29 15.83 0.54
CA SER B 254 4.30 14.82 0.21
C SER B 254 3.36 14.62 1.39
N SER B 255 2.10 14.35 1.09
CA SER B 255 1.17 13.99 2.17
C SER B 255 1.62 12.74 2.91
N ALA B 256 2.38 11.88 2.26
CA ALA B 256 2.77 10.63 2.92
C ALA B 256 3.70 10.88 4.08
N ASP B 257 4.45 11.97 4.05
CA ASP B 257 5.36 12.35 5.12
C ASP B 257 4.74 13.29 6.14
N LYS B 258 3.46 13.61 6.00
CA LYS B 258 2.79 14.47 6.94
C LYS B 258 2.30 13.65 8.13
N TYR B 259 2.33 14.25 9.32
CA TYR B 259 1.84 13.56 10.50
C TYR B 259 1.32 14.60 11.47
N ASP B 260 0.55 14.14 12.44
CA ASP B 260 -0.01 14.98 13.49
C ASP B 260 1.02 15.19 14.59
N SER B 261 1.61 16.38 14.63
CA SER B 261 2.58 16.71 15.67
C SER B 261 1.95 17.27 16.93
N GLY B 262 0.71 17.72 16.86
CA GLY B 262 0.10 18.38 18.00
C GLY B 262 0.58 19.78 18.25
N CYS B 263 1.39 20.34 17.35
CA CYS B 263 1.88 21.71 17.49
C CYS B 263 1.05 22.74 16.72
N GLY B 264 0.05 22.31 15.97
CA GLY B 264 -0.87 23.25 15.35
C GLY B 264 -0.43 23.82 14.01
N TRP B 265 0.63 23.30 13.42
CA TRP B 265 1.09 23.64 12.08
C TRP B 265 1.25 22.37 11.28
N PRO B 266 1.07 22.43 9.95
CA PRO B 266 1.41 21.28 9.12
C PRO B 266 2.82 20.83 9.44
N SER B 267 2.97 19.53 9.73
CA SER B 267 4.24 18.96 10.17
C SER B 267 4.61 17.75 9.32
N PHE B 268 5.83 17.77 8.79
CA PHE B 268 6.30 16.70 7.91
C PHE B 268 7.60 16.12 8.47
N SER B 269 7.85 14.86 8.15
CA SER B 269 9.06 14.20 8.62
C SER B 269 10.26 14.53 7.74
N LYS B 270 10.02 15.01 6.51
CA LYS B 270 11.06 15.27 5.51
C LYS B 270 10.41 15.93 4.31
N PRO B 271 11.16 16.68 3.50
CA PRO B 271 10.62 17.18 2.23
C PRO B 271 10.65 16.10 1.16
N ILE B 272 9.95 16.40 0.06
CA ILE B 272 9.71 15.43 -1.00
C ILE B 272 11.03 14.90 -1.58
N ASN B 273 12.08 15.71 -1.56
CA ASN B 273 13.43 15.22 -1.83
C ASN B 273 14.43 16.15 -1.19
N LYS B 274 15.71 15.88 -1.41
CA LYS B 274 16.75 16.55 -0.65
C LYS B 274 17.23 17.84 -1.31
N ASP B 275 16.57 18.29 -2.39
CA ASP B 275 16.99 19.49 -3.11
C ASP B 275 16.06 20.67 -2.94
N VAL B 276 14.78 20.43 -2.63
CA VAL B 276 13.78 21.49 -2.76
C VAL B 276 13.74 22.45 -1.58
N VAL B 277 14.40 22.14 -0.46
CA VAL B 277 14.37 23.06 0.69
C VAL B 277 15.79 23.34 1.15
N LYS B 278 15.99 24.57 1.60
CA LYS B 278 17.26 25.05 2.09
C LYS B 278 17.14 25.42 3.57
N TYR B 279 18.29 25.44 4.25
CA TYR B 279 18.36 25.60 5.69
C TYR B 279 19.26 26.77 6.03
N GLU B 280 18.83 27.59 6.99
CA GLU B 280 19.58 28.78 7.36
C GLU B 280 19.38 29.04 8.85
N ASP B 281 20.39 29.65 9.47
CA ASP B 281 20.31 30.02 10.88
C ASP B 281 19.22 31.04 11.10
N ASP B 282 18.47 30.88 12.20
CA ASP B 282 17.48 31.85 12.63
C ASP B 282 17.75 32.22 14.08
N GLU B 283 18.26 33.43 14.31
CA GLU B 283 18.58 33.89 15.69
C GLU B 283 17.54 34.93 16.13
N SER B 284 16.33 34.87 15.57
CA SER B 284 15.26 35.83 15.93
C SER B 284 14.52 35.35 17.19
N ASN B 286 15.03 35.98 20.31
CA ASN B 286 15.97 35.54 21.38
C ASN B 286 16.01 34.01 21.44
N ARG B 287 16.23 33.35 20.29
CA ARG B 287 16.29 31.87 20.22
C ARG B 287 17.28 31.46 19.13
N LYS B 288 17.62 30.17 19.07
CA LYS B 288 18.51 29.63 18.01
C LYS B 288 17.77 28.50 17.31
N ARG B 289 17.26 28.75 16.10
CA ARG B 289 16.51 27.74 15.38
C ARG B 289 17.05 27.63 13.97
N ILE B 290 16.57 26.63 13.24
CA ILE B 290 16.94 26.44 11.84
C ILE B 290 15.72 26.77 11.00
N GLU B 291 15.85 27.78 10.14
CA GLU B 291 14.79 28.14 9.20
C GLU B 291 14.90 27.27 7.95
N VAL B 292 13.75 26.84 7.44
CA VAL B 292 13.70 26.11 6.18
C VAL B 292 13.05 27.01 5.13
N LEU B 293 13.66 27.09 3.95
CA LEU B 293 13.21 27.93 2.86
C LEU B 293 13.09 27.11 1.58
N SER B 294 12.29 27.59 0.64
CA SER B 294 12.20 26.90 -0.64
C SER B 294 13.41 27.24 -1.52
N ARG B 295 13.80 26.28 -2.37
CA ARG B 295 14.96 26.45 -3.23
C ARG B 295 14.72 27.53 -4.27
N ILE B 296 13.70 27.38 -5.10
CA ILE B 296 13.52 28.29 -6.22
C ILE B 296 12.99 29.63 -5.76
N GLY B 297 11.91 29.62 -4.99
CA GLY B 297 11.29 30.87 -4.57
C GLY B 297 11.95 31.58 -3.41
N LYS B 298 12.91 30.92 -2.75
CA LYS B 298 13.56 31.47 -1.56
C LYS B 298 12.52 31.94 -0.55
N ALA B 299 11.39 31.26 -0.51
CA ALA B 299 10.32 31.62 0.40
C ALA B 299 10.57 31.03 1.77
N HIS B 300 10.30 31.83 2.80
CA HIS B 300 10.27 31.32 4.14
C HIS B 300 9.11 30.34 4.28
N LEU B 301 9.42 29.11 4.71
CA LEU B 301 8.43 28.06 4.92
C LEU B 301 8.11 27.83 6.39
N GLY B 302 9.11 27.86 7.25
CA GLY B 302 8.92 27.55 8.65
C GLY B 302 10.24 27.13 9.26
N HIS B 303 10.24 26.12 10.11
CA HIS B 303 11.45 25.74 10.83
C HIS B 303 11.52 24.23 10.89
N VAL B 304 12.73 23.70 11.12
CA VAL B 304 12.93 22.27 11.31
C VAL B 304 13.47 22.05 12.71
N PHE B 305 12.87 21.09 13.42
CA PHE B 305 13.22 20.74 14.79
C PHE B 305 13.58 19.26 14.87
N ASN B 306 14.31 18.90 15.93
CA ASN B 306 14.76 17.52 16.11
C ASN B 306 13.87 16.74 17.06
N ASP B 307 12.59 17.12 17.16
CA ASP B 307 11.66 16.50 18.09
C ASP B 307 10.55 15.72 17.37
N GLY B 308 10.83 15.23 16.17
CA GLY B 308 9.86 14.47 15.44
C GLY B 308 9.83 13.02 15.90
N PRO B 309 8.78 12.28 15.54
CA PRO B 309 8.71 10.86 15.90
C PRO B 309 9.87 10.05 15.35
N LYS B 310 10.41 9.18 16.23
CA LYS B 310 11.64 8.47 15.91
C LYS B 310 11.46 7.51 14.74
N GLU B 311 10.31 6.86 14.65
CA GLU B 311 10.14 5.89 13.58
C GLU B 311 10.01 6.55 12.21
N LEU B 312 9.81 7.86 12.16
CA LEU B 312 9.81 8.59 10.90
C LEU B 312 11.14 9.28 10.63
N GLY B 313 12.13 9.12 11.50
CA GLY B 313 13.43 9.73 11.30
C GLY B 313 13.79 10.81 12.31
N GLY B 314 12.84 11.29 13.12
CA GLY B 314 13.14 12.18 14.22
C GLY B 314 13.05 13.68 13.91
N LEU B 315 12.95 14.08 12.65
CA LEU B 315 12.83 15.49 12.30
C LEU B 315 11.37 15.92 12.25
N ARG B 316 11.12 17.17 12.67
CA ARG B 316 9.82 17.81 12.46
C ARG B 316 10.04 19.04 11.59
N TYR B 317 9.53 18.99 10.35
CA TYR B 317 9.45 20.15 9.49
C TYR B 317 8.13 20.82 9.82
N SER B 318 8.20 21.95 10.51
CA SER B 318 7.04 22.72 10.95
C SER B 318 6.86 23.87 9.96
N ILE B 319 5.79 23.80 9.18
CA ILE B 319 5.63 24.62 7.97
C ILE B 319 4.34 25.41 8.10
N ASN B 320 4.39 26.67 7.66
CA ASN B 320 3.18 27.49 7.61
C ASN B 320 2.25 27.01 6.50
N SER B 321 0.96 26.84 6.84
CA SER B 321 -0.07 26.65 5.82
C SER B 321 0.00 27.75 4.77
N ALA B 322 0.28 28.98 5.20
CA ALA B 322 0.33 30.15 4.32
C ALA B 322 1.46 30.08 3.30
N ALA B 323 2.43 29.18 3.48
CA ALA B 323 3.52 29.07 2.52
C ALA B 323 3.25 28.00 1.47
N LEU B 324 2.16 27.26 1.61
CA LEU B 324 1.90 26.07 0.84
C LEU B 324 0.60 26.21 0.05
N ARG B 325 0.51 25.42 -1.02
CA ARG B 325 -0.75 25.16 -1.70
C ARG B 325 -0.87 23.65 -1.79
N PHE B 326 -1.95 23.12 -1.22
CA PHE B 326 -2.22 21.68 -1.29
C PHE B 326 -2.94 21.35 -2.59
N ILE B 327 -2.47 20.31 -3.27
CA ILE B 327 -3.17 19.82 -4.45
C ILE B 327 -3.56 18.35 -4.25
N PRO B 328 -4.85 18.04 -4.17
CA PRO B 328 -5.26 16.65 -3.96
C PRO B 328 -4.81 15.75 -5.10
N LEU B 329 -4.69 14.47 -4.80
CA LEU B 329 -4.25 13.48 -5.80
C LEU B 329 -5.08 13.57 -7.06
N LYS B 330 -6.41 13.62 -6.92
CA LYS B 330 -7.30 13.67 -8.08
C LYS B 330 -7.11 14.93 -8.93
N ASP B 331 -6.48 15.97 -8.40
CA ASP B 331 -6.27 17.21 -9.14
C ASP B 331 -4.84 17.38 -9.66
N MET B 332 -3.91 16.52 -9.25
CA MET B 332 -2.52 16.75 -9.59
C MET B 332 -2.29 16.73 -11.10
N GLU B 333 -2.98 15.85 -11.82
CA GLU B 333 -2.78 15.74 -13.26
C GLU B 333 -3.15 17.03 -13.97
N LYS B 334 -4.35 17.55 -13.71
CA LYS B 334 -4.80 18.80 -14.32
C LYS B 334 -3.90 19.99 -13.97
N GLU B 335 -3.33 19.99 -12.78
CA GLU B 335 -2.56 21.14 -12.31
C GLU B 335 -1.11 21.10 -12.72
N GLY B 336 -0.70 20.08 -13.47
CA GLY B 336 0.65 20.01 -13.98
C GLY B 336 1.62 19.22 -13.13
N TYR B 337 1.11 18.39 -12.22
CA TYR B 337 1.97 17.58 -11.36
C TYR B 337 1.74 16.08 -11.57
N GLY B 338 1.21 15.70 -12.73
CA GLY B 338 0.89 14.31 -12.98
C GLY B 338 2.07 13.36 -12.80
N GLU B 339 3.29 13.83 -13.07
CA GLU B 339 4.45 12.95 -12.96
C GLU B 339 4.83 12.64 -11.51
N PHE B 340 4.23 13.30 -10.52
CA PHE B 340 4.49 12.98 -9.13
C PHE B 340 3.44 12.08 -8.50
N ILE B 341 2.35 11.79 -9.22
CA ILE B 341 1.29 10.95 -8.65
C ILE B 341 1.81 9.58 -8.18
N PRO B 342 2.58 8.84 -8.98
CA PRO B 342 3.02 7.52 -8.50
C PRO B 342 3.89 7.62 -7.26
N TYR B 343 4.60 8.73 -7.12
CA TYR B 343 5.47 8.90 -5.96
C TYR B 343 4.66 9.23 -4.71
N ILE B 344 3.63 10.05 -4.83
CA ILE B 344 2.74 10.28 -3.69
C ILE B 344 2.08 8.97 -3.26
N LYS B 345 1.51 8.23 -4.23
CA LYS B 345 0.77 7.02 -3.86
C LYS B 345 1.68 5.95 -3.28
N LYS B 346 2.88 5.78 -3.84
CA LYS B 346 3.82 4.83 -3.26
C LYS B 346 4.16 5.21 -1.83
N GLY B 347 4.32 6.52 -1.58
CA GLY B 347 4.57 6.97 -0.22
C GLY B 347 3.43 6.65 0.72
N GLU B 348 2.19 6.90 0.26
CA GLU B 348 1.00 6.61 1.07
C GLU B 348 0.83 5.10 1.30
N LEU B 349 1.17 4.28 0.31
CA LEU B 349 1.21 2.83 0.53
C LEU B 349 2.21 2.46 1.62
N LYS B 350 3.38 3.12 1.64
CA LYS B 350 4.36 2.90 2.70
C LYS B 350 3.81 3.30 4.06
N LYS B 351 3.21 4.48 4.13
CA LYS B 351 2.59 4.90 5.38
C LYS B 351 1.49 3.93 5.81
N TYR B 352 0.71 3.46 4.85
CA TYR B 352 -0.39 2.54 5.16
C TYR B 352 0.14 1.26 5.82
N ILE B 353 1.21 0.68 5.29
CA ILE B 353 1.76 -0.54 5.87
C ILE B 353 2.41 -0.26 7.21
N ASN B 354 3.27 0.76 7.28
CA ASN B 354 3.96 1.04 8.54
C ASN B 354 2.99 1.23 9.68
N ASP B 355 1.79 1.75 9.40
CA ASP B 355 0.79 1.94 10.44
C ASP B 355 0.27 0.63 11.02
N LYS B 356 0.40 -0.48 10.28
CA LYS B 356 -0.19 -1.75 10.70
C LYS B 356 0.71 -2.57 11.60
N LYS B 357 1.89 -2.07 11.93
CA LYS B 357 2.71 -2.73 12.93
C LYS B 357 2.06 -2.57 14.31
#